data_5TH5
#
_entry.id   5TH5
#
_cell.length_a   53.879
_cell.length_b   136.835
_cell.length_c   141.187
_cell.angle_alpha   90.00
_cell.angle_beta   90.00
_cell.angle_gamma   90.00
#
_symmetry.space_group_name_H-M   'P 21 21 21'
#
loop_
_entity.id
_entity.type
_entity.pdbx_description
1 polymer '7-carboxy-7-deazaguanine synthase'
2 non-polymer 'IRON/SULFUR CLUSTER'
3 non-polymer "5'-O-(2-amino-4-oxo-1,4-dihydropteridine-6-carbonyl)adenosine"
4 non-polymer METHIONINE
5 water water
#
_entity_poly.entity_id   1
_entity_poly.type   'polypeptide(L)'
_entity_poly.pdbx_seq_one_letter_code
;MGSSHHHHHHSSGLVPRGSHMAKGIPVLEIFGPTIQGEGMVIGQKTMFVRTAGCDYSCSWCDSAFTWDGSAKKDIRWMTA
EEIFAELKDIGGDAFSHVTISGGNPALLKQLDAFIELLKENNIRAALETQGTVYQDWFTLIDDLTISPKPPSSKMVTNFQ
KLDHILTSLQENDRQHAVSLKVVIFNDEDLEFAKTVHKRYPGIPFYLQVGNDDVHTTDDQSLIAHLLGKYEALVDKVAVD
AELNLVRVLPQLHTLLWGNKRGV
;
_entity_poly.pdbx_strand_id   A,B,C,D
#
loop_
_chem_comp.id
_chem_comp.type
_chem_comp.name
_chem_comp.formula
7C5 non-polymer 5'-O-(2-amino-4-oxo-1,4-dihydropteridine-6-carbonyl)adenosine 'C17 H16 N10 O6'
SF4 non-polymer 'IRON/SULFUR CLUSTER' 'Fe4 S4'
#
# COMPACT_ATOMS: atom_id res chain seq x y z
N LYS A 23 -8.23 -35.41 5.62
CA LYS A 23 -7.88 -34.36 4.66
C LYS A 23 -9.11 -33.84 3.94
N GLY A 24 -10.26 -34.46 4.19
CA GLY A 24 -11.51 -34.00 3.61
C GLY A 24 -12.03 -32.75 4.28
N ILE A 25 -12.68 -31.89 3.50
CA ILE A 25 -13.21 -30.63 4.02
C ILE A 25 -14.72 -30.70 4.19
N PRO A 26 -15.20 -30.49 5.43
CA PRO A 26 -16.64 -30.51 5.73
C PRO A 26 -17.37 -29.29 5.15
N VAL A 27 -18.12 -29.50 4.08
CA VAL A 27 -18.81 -28.40 3.40
C VAL A 27 -20.33 -28.50 3.58
N LEU A 28 -20.96 -27.36 3.85
CA LEU A 28 -22.42 -27.32 3.98
C LEU A 28 -23.06 -26.46 2.89
N GLU A 29 -22.35 -25.43 2.44
CA GLU A 29 -22.87 -24.54 1.41
C GLU A 29 -21.84 -24.20 0.32
N ILE A 30 -22.28 -24.24 -0.92
CA ILE A 30 -21.51 -23.73 -2.05
C ILE A 30 -22.45 -22.98 -2.99
N PHE A 31 -22.40 -21.65 -2.97
CA PHE A 31 -23.29 -20.87 -3.82
C PHE A 31 -22.63 -19.62 -4.37
N GLY A 32 -23.29 -19.01 -5.35
CA GLY A 32 -22.76 -17.83 -6.01
C GLY A 32 -22.96 -17.92 -7.51
N PRO A 33 -22.54 -16.87 -8.25
CA PRO A 33 -21.92 -15.65 -7.72
C PRO A 33 -22.92 -14.69 -7.10
N THR A 34 -22.55 -14.12 -5.95
CA THR A 34 -23.36 -13.13 -5.29
C THR A 34 -22.45 -11.97 -4.87
N ILE A 35 -22.92 -11.13 -3.96
CA ILE A 35 -22.09 -10.04 -3.46
C ILE A 35 -21.77 -10.23 -1.98
N GLN A 36 -20.56 -9.82 -1.60
CA GLN A 36 -20.19 -9.79 -0.18
C GLN A 36 -21.00 -8.72 0.52
N GLY A 37 -21.84 -9.12 1.46
CA GLY A 37 -22.76 -8.19 2.10
C GLY A 37 -22.21 -7.53 3.35
N GLU A 38 -20.99 -7.89 3.74
CA GLU A 38 -20.43 -7.42 5.00
C GLU A 38 -18.95 -7.06 4.92
N GLY A 39 -18.53 -6.16 5.80
CA GLY A 39 -17.12 -5.96 6.09
C GLY A 39 -16.25 -5.22 5.09
N MET A 40 -14.98 -5.60 5.08
CA MET A 40 -13.92 -4.89 4.35
C MET A 40 -14.11 -4.88 2.83
N VAL A 41 -14.64 -5.97 2.29
CA VAL A 41 -14.86 -6.05 0.84
C VAL A 41 -16.34 -6.16 0.53
N ILE A 42 -17.14 -5.35 1.21
CA ILE A 42 -18.58 -5.35 1.02
C ILE A 42 -18.95 -4.94 -0.41
N GLY A 43 -19.86 -5.68 -1.02
CA GLY A 43 -20.29 -5.39 -2.37
C GLY A 43 -19.51 -6.15 -3.44
N GLN A 44 -18.40 -6.76 -3.04
CA GLN A 44 -17.56 -7.51 -3.97
C GLN A 44 -18.29 -8.76 -4.48
N LYS A 45 -18.26 -8.96 -5.79
CA LYS A 45 -18.83 -10.19 -6.36
C LYS A 45 -17.96 -11.38 -5.98
N THR A 46 -18.57 -12.38 -5.36
CA THR A 46 -17.81 -13.50 -4.83
C THR A 46 -18.62 -14.79 -4.78
N MET A 47 -17.91 -15.91 -4.69
CA MET A 47 -18.53 -17.19 -4.42
C MET A 47 -18.46 -17.47 -2.93
N PHE A 48 -19.27 -18.39 -2.45
CA PHE A 48 -19.28 -18.72 -1.03
C PHE A 48 -19.10 -20.21 -0.76
N VAL A 49 -18.22 -20.52 0.18
CA VAL A 49 -18.03 -21.88 0.65
C VAL A 49 -18.16 -21.89 2.17
N ARG A 50 -19.31 -22.35 2.66
CA ARG A 50 -19.56 -22.37 4.10
C ARG A 50 -19.26 -23.75 4.69
N THR A 51 -18.33 -23.80 5.63
CA THR A 51 -17.91 -25.06 6.22
C THR A 51 -18.70 -25.35 7.49
N ALA A 52 -18.51 -26.56 8.04
CA ALA A 52 -19.25 -26.98 9.23
C ALA A 52 -18.35 -26.98 10.46
N GLY A 53 -18.96 -26.75 11.62
CA GLY A 53 -18.25 -26.79 12.88
C GLY A 53 -17.93 -25.43 13.46
N CYS A 54 -18.23 -25.24 14.74
CA CYS A 54 -17.87 -24.00 15.43
C CYS A 54 -17.45 -24.27 16.87
N ASP A 55 -16.43 -23.55 17.32
CA ASP A 55 -16.00 -23.63 18.71
C ASP A 55 -16.79 -22.63 19.56
N TYR A 56 -17.54 -21.77 18.88
CA TYR A 56 -18.44 -20.84 19.56
C TYR A 56 -19.88 -21.30 19.45
N SER A 57 -20.75 -20.71 20.27
CA SER A 57 -22.18 -20.98 20.20
C SER A 57 -22.94 -19.69 20.48
N CYS A 58 -22.64 -18.66 19.68
CA CYS A 58 -23.22 -17.34 19.85
C CYS A 58 -24.75 -17.37 19.79
N SER A 59 -25.39 -16.63 20.69
CA SER A 59 -26.83 -16.68 20.85
C SER A 59 -27.59 -16.15 19.65
N TRP A 60 -26.94 -15.31 18.84
CA TRP A 60 -27.59 -14.75 17.66
C TRP A 60 -26.95 -15.19 16.35
N CYS A 61 -26.30 -16.36 16.37
CA CYS A 61 -25.69 -16.93 15.18
C CYS A 61 -26.71 -17.05 14.05
N ASP A 62 -26.50 -16.30 12.97
CA ASP A 62 -27.44 -16.32 11.85
C ASP A 62 -27.22 -17.52 10.94
N SER A 63 -26.24 -18.34 11.30
CA SER A 63 -25.98 -19.59 10.58
C SER A 63 -25.75 -20.72 11.57
N ALA A 64 -26.71 -20.90 12.48
CA ALA A 64 -26.58 -21.85 13.57
C ALA A 64 -26.50 -23.30 13.07
N PHE A 65 -27.09 -23.55 11.91
CA PHE A 65 -27.13 -24.91 11.33
C PHE A 65 -25.73 -25.46 11.06
N THR A 66 -24.73 -24.61 11.09
CA THR A 66 -23.36 -25.03 10.82
C THR A 66 -22.73 -25.73 12.03
N TRP A 67 -23.37 -25.63 13.18
CA TRP A 67 -22.78 -26.19 14.40
C TRP A 67 -23.79 -26.75 15.40
N ASP A 68 -25.07 -26.39 15.25
CA ASP A 68 -26.07 -26.82 16.23
C ASP A 68 -26.46 -28.29 16.05
N GLY A 69 -25.92 -28.92 15.00
CA GLY A 69 -26.14 -30.34 14.76
C GLY A 69 -27.39 -30.64 13.94
N SER A 70 -28.09 -29.59 13.53
CA SER A 70 -29.33 -29.76 12.77
C SER A 70 -29.06 -30.14 11.32
N ALA A 71 -27.82 -29.96 10.87
CA ALA A 71 -27.46 -30.23 9.49
C ALA A 71 -26.19 -31.08 9.40
N LYS A 72 -25.94 -31.89 10.43
CA LYS A 72 -24.76 -32.74 10.48
C LYS A 72 -24.81 -33.81 9.40
N LYS A 73 -26.01 -34.24 9.06
CA LYS A 73 -26.23 -35.25 8.04
C LYS A 73 -26.01 -34.68 6.63
N ASP A 74 -26.10 -33.36 6.51
CA ASP A 74 -25.97 -32.70 5.22
C ASP A 74 -24.52 -32.35 4.90
N ILE A 75 -23.61 -32.65 5.82
CA ILE A 75 -22.20 -32.35 5.64
C ILE A 75 -21.58 -33.19 4.52
N ARG A 76 -21.00 -32.51 3.52
CA ARG A 76 -20.31 -33.19 2.44
C ARG A 76 -18.80 -33.03 2.59
N TRP A 77 -18.10 -34.13 2.87
CA TRP A 77 -16.65 -34.11 2.98
C TRP A 77 -16.01 -34.12 1.60
N MET A 78 -15.52 -32.97 1.17
CA MET A 78 -14.99 -32.81 -0.17
C MET A 78 -13.50 -32.47 -0.17
N THR A 79 -12.82 -32.82 -1.26
CA THR A 79 -11.43 -32.45 -1.45
C THR A 79 -11.34 -31.04 -2.01
N ALA A 80 -10.13 -30.48 -2.04
CA ALA A 80 -9.92 -29.13 -2.57
C ALA A 80 -10.32 -29.05 -4.04
N GLU A 81 -10.02 -30.11 -4.78
CA GLU A 81 -10.31 -30.15 -6.21
C GLU A 81 -11.82 -30.25 -6.47
N GLU A 82 -12.52 -30.97 -5.62
CA GLU A 82 -13.97 -31.13 -5.76
C GLU A 82 -14.72 -29.83 -5.49
N ILE A 83 -14.28 -29.09 -4.48
CA ILE A 83 -14.89 -27.81 -4.16
C ILE A 83 -14.67 -26.82 -5.30
N PHE A 84 -13.44 -26.80 -5.82
CA PHE A 84 -13.08 -25.90 -6.90
C PHE A 84 -13.84 -26.24 -8.18
N ALA A 85 -14.00 -27.53 -8.45
CA ALA A 85 -14.73 -27.98 -9.64
C ALA A 85 -16.20 -27.58 -9.57
N GLU A 86 -16.77 -27.65 -8.36
CA GLU A 86 -18.17 -27.29 -8.17
C GLU A 86 -18.36 -25.78 -8.26
N LEU A 87 -17.35 -25.04 -7.79
CA LEU A 87 -17.36 -23.58 -7.92
C LEU A 87 -17.32 -23.16 -9.38
N LYS A 88 -16.44 -23.79 -10.14
CA LYS A 88 -16.33 -23.52 -11.57
C LYS A 88 -17.58 -23.96 -12.32
N ASP A 89 -18.30 -24.94 -11.76
CA ASP A 89 -19.50 -25.44 -12.40
C ASP A 89 -20.67 -24.46 -12.29
N ILE A 90 -20.99 -24.03 -11.08
CA ILE A 90 -22.13 -23.15 -10.86
C ILE A 90 -21.78 -21.68 -11.04
N GLY A 91 -20.49 -21.39 -11.12
CA GLY A 91 -20.02 -20.02 -11.24
C GLY A 91 -19.46 -19.69 -12.61
N GLY A 92 -18.97 -20.71 -13.30
CA GLY A 92 -18.36 -20.53 -14.61
C GLY A 92 -17.09 -19.69 -14.51
N ASP A 93 -16.92 -18.78 -15.45
CA ASP A 93 -15.80 -17.85 -15.42
C ASP A 93 -16.25 -16.49 -14.93
N ALA A 94 -17.40 -16.47 -14.25
CA ALA A 94 -18.00 -15.23 -13.77
C ALA A 94 -17.66 -14.95 -12.32
N PHE A 95 -16.44 -15.32 -11.90
CA PHE A 95 -15.98 -15.00 -10.56
C PHE A 95 -14.46 -15.05 -10.46
N SER A 96 -13.89 -14.20 -9.62
CA SER A 96 -12.46 -14.20 -9.35
C SER A 96 -12.23 -14.06 -7.86
N HIS A 97 -13.30 -14.25 -7.09
CA HIS A 97 -13.23 -14.07 -5.65
C HIS A 97 -14.06 -15.16 -4.94
N VAL A 98 -13.48 -15.74 -3.89
CA VAL A 98 -14.17 -16.77 -3.12
C VAL A 98 -14.09 -16.47 -1.63
N THR A 99 -15.24 -16.46 -0.96
CA THR A 99 -15.29 -16.21 0.47
C THR A 99 -15.54 -17.51 1.24
N ILE A 100 -14.61 -17.85 2.13
CA ILE A 100 -14.76 -19.05 2.95
C ILE A 100 -15.30 -18.67 4.34
N SER A 101 -16.47 -19.20 4.67
CA SER A 101 -17.10 -18.91 5.95
C SER A 101 -17.59 -20.19 6.62
N GLY A 102 -18.38 -20.03 7.68
CA GLY A 102 -18.91 -21.17 8.41
C GLY A 102 -20.05 -20.76 9.33
N GLY A 103 -20.00 -21.20 10.59
CA GLY A 103 -18.93 -22.03 11.10
C GLY A 103 -17.65 -21.27 11.39
N ASN A 104 -16.65 -21.97 11.90
CA ASN A 104 -15.33 -21.39 12.06
C ASN A 104 -14.32 -22.16 11.21
N PRO A 105 -14.04 -21.66 10.00
CA PRO A 105 -13.12 -22.28 9.04
C PRO A 105 -11.71 -22.44 9.60
N ALA A 106 -11.38 -21.66 10.62
CA ALA A 106 -10.06 -21.71 11.23
C ALA A 106 -9.82 -23.01 12.00
N LEU A 107 -10.88 -23.79 12.18
CA LEU A 107 -10.78 -25.08 12.85
C LEU A 107 -10.19 -26.13 11.90
N LEU A 108 -10.22 -25.83 10.62
CA LEU A 108 -9.79 -26.78 9.59
C LEU A 108 -8.40 -26.46 9.06
N LYS A 109 -7.42 -27.30 9.40
CA LYS A 109 -6.08 -27.13 8.88
C LYS A 109 -6.00 -27.60 7.43
N GLN A 110 -6.84 -28.57 7.07
CA GLN A 110 -6.84 -29.14 5.73
C GLN A 110 -7.41 -28.18 4.69
N LEU A 111 -7.81 -27.00 5.12
CA LEU A 111 -8.27 -25.97 4.20
C LEU A 111 -7.11 -25.36 3.42
N ASP A 112 -5.88 -25.63 3.88
CA ASP A 112 -4.69 -25.09 3.24
C ASP A 112 -4.62 -25.48 1.77
N ALA A 113 -4.94 -26.74 1.47
CA ALA A 113 -4.87 -27.25 0.10
C ALA A 113 -5.85 -26.51 -0.80
N PHE A 114 -6.98 -26.09 -0.24
CA PHE A 114 -7.99 -25.38 -1.02
C PHE A 114 -7.61 -23.91 -1.25
N ILE A 115 -7.07 -23.28 -0.21
CA ILE A 115 -6.63 -21.89 -0.32
C ILE A 115 -5.49 -21.76 -1.32
N GLU A 116 -4.56 -22.72 -1.27
CA GLU A 116 -3.45 -22.75 -2.21
C GLU A 116 -3.94 -22.94 -3.65
N LEU A 117 -4.91 -23.83 -3.82
CA LEU A 117 -5.48 -24.11 -5.13
C LEU A 117 -6.15 -22.87 -5.73
N LEU A 118 -6.76 -22.07 -4.86
CA LEU A 118 -7.38 -20.82 -5.31
C LEU A 118 -6.34 -19.83 -5.82
N LYS A 119 -5.26 -19.68 -5.07
CA LYS A 119 -4.19 -18.76 -5.45
C LYS A 119 -3.47 -19.23 -6.71
N GLU A 120 -3.40 -20.55 -6.88
CA GLU A 120 -2.76 -21.12 -8.06
C GLU A 120 -3.65 -20.99 -9.30
N ASN A 121 -4.88 -20.55 -9.11
CA ASN A 121 -5.80 -20.35 -10.22
C ASN A 121 -6.29 -18.91 -10.31
N ASN A 122 -5.47 -18.00 -9.79
CA ASN A 122 -5.75 -16.57 -9.86
C ASN A 122 -7.09 -16.19 -9.22
N ILE A 123 -7.41 -16.84 -8.11
CA ILE A 123 -8.64 -16.56 -7.39
C ILE A 123 -8.33 -15.97 -6.02
N ARG A 124 -8.84 -14.77 -5.77
CA ARG A 124 -8.64 -14.11 -4.48
C ARG A 124 -9.56 -14.72 -3.42
N ALA A 125 -9.02 -14.92 -2.22
CA ALA A 125 -9.77 -15.58 -1.16
C ALA A 125 -10.02 -14.67 0.03
N ALA A 126 -11.22 -14.76 0.59
CA ALA A 126 -11.57 -14.03 1.81
C ALA A 126 -11.94 -15.01 2.91
N LEU A 127 -11.85 -14.56 4.15
CA LEU A 127 -12.12 -15.44 5.29
C LEU A 127 -12.91 -14.74 6.39
N GLU A 128 -13.88 -15.46 6.95
CA GLU A 128 -14.64 -14.98 8.09
C GLU A 128 -14.36 -15.87 9.30
N THR A 129 -13.80 -15.28 10.36
CA THR A 129 -13.49 -16.03 11.57
C THR A 129 -13.61 -15.15 12.80
N GLN A 130 -13.89 -15.75 13.95
CA GLN A 130 -14.07 -15.00 15.18
C GLN A 130 -12.75 -14.72 15.90
N GLY A 131 -11.68 -15.35 15.41
CA GLY A 131 -10.34 -15.10 15.94
C GLY A 131 -10.02 -15.88 17.20
N THR A 132 -10.17 -17.19 17.15
CA THR A 132 -9.82 -18.05 18.28
C THR A 132 -8.66 -18.97 17.93
N VAL A 133 -8.79 -19.67 16.81
CA VAL A 133 -7.76 -20.60 16.35
C VAL A 133 -6.98 -20.01 15.18
N TYR A 134 -5.65 -20.14 15.23
CA TYR A 134 -4.82 -19.66 14.14
C TYR A 134 -4.40 -20.80 13.21
N GLN A 135 -4.34 -20.51 11.92
CA GLN A 135 -3.82 -21.44 10.93
C GLN A 135 -2.78 -20.75 10.07
N ASP A 136 -1.81 -21.51 9.59
CA ASP A 136 -0.72 -20.95 8.81
C ASP A 136 -1.17 -20.48 7.42
N TRP A 137 -2.32 -20.97 6.96
CA TRP A 137 -2.83 -20.55 5.66
C TRP A 137 -3.58 -19.23 5.74
N PHE A 138 -3.56 -18.60 6.92
CA PHE A 138 -4.11 -17.25 7.07
C PHE A 138 -3.33 -16.26 6.22
N THR A 139 -2.04 -16.54 6.04
CA THR A 139 -1.14 -15.66 5.31
C THR A 139 -1.42 -15.67 3.81
N LEU A 140 -2.27 -16.60 3.37
CA LEU A 140 -2.62 -16.70 1.96
C LEU A 140 -3.95 -16.02 1.67
N ILE A 141 -4.64 -15.61 2.73
CA ILE A 141 -5.93 -14.94 2.59
C ILE A 141 -5.77 -13.48 2.20
N ASP A 142 -6.47 -13.07 1.13
CA ASP A 142 -6.40 -11.70 0.64
C ASP A 142 -7.24 -10.75 1.48
N ASP A 143 -8.35 -11.26 2.01
CA ASP A 143 -9.26 -10.44 2.81
C ASP A 143 -9.69 -11.17 4.07
N LEU A 144 -8.91 -11.00 5.13
CA LEU A 144 -9.15 -11.72 6.37
C LEU A 144 -9.94 -10.85 7.36
N THR A 145 -11.18 -11.25 7.62
CA THR A 145 -12.03 -10.56 8.57
C THR A 145 -12.09 -11.30 9.91
N ILE A 146 -11.60 -10.65 10.95
CA ILE A 146 -11.66 -11.22 12.30
C ILE A 146 -12.79 -10.56 13.07
N SER A 147 -13.70 -11.37 13.62
CA SER A 147 -14.87 -10.84 14.30
C SER A 147 -15.00 -11.32 15.74
N PRO A 148 -14.32 -10.65 16.67
CA PRO A 148 -14.46 -10.93 18.10
C PRO A 148 -15.89 -10.74 18.56
N LYS A 149 -16.38 -11.64 19.41
CA LYS A 149 -17.77 -11.64 19.81
C LYS A 149 -18.04 -10.83 21.08
N PRO A 150 -19.05 -9.95 21.03
CA PRO A 150 -19.46 -9.09 22.14
C PRO A 150 -20.26 -9.85 23.20
N PRO A 151 -20.40 -9.27 24.41
CA PRO A 151 -21.13 -9.89 25.52
C PRO A 151 -22.55 -10.35 25.19
N SER A 152 -23.17 -9.73 24.19
CA SER A 152 -24.54 -10.09 23.82
C SER A 152 -24.60 -11.47 23.16
N SER A 153 -23.45 -11.96 22.71
CA SER A 153 -23.37 -13.28 22.10
C SER A 153 -23.20 -14.36 23.15
N LYS A 154 -23.15 -13.94 24.42
CA LYS A 154 -22.94 -14.82 25.55
C LYS A 154 -21.59 -15.54 25.48
N MET A 155 -20.70 -15.04 24.64
CA MET A 155 -19.38 -15.64 24.48
C MET A 155 -18.33 -14.84 25.25
N VAL A 156 -17.29 -15.53 25.72
CA VAL A 156 -16.18 -14.88 26.42
C VAL A 156 -14.96 -14.84 25.51
N THR A 157 -14.42 -13.65 25.31
CA THR A 157 -13.31 -13.46 24.38
C THR A 157 -11.95 -13.72 25.02
N ASN A 158 -11.24 -14.70 24.49
CA ASN A 158 -9.86 -14.97 24.90
C ASN A 158 -8.91 -14.03 24.15
N PHE A 159 -8.48 -12.97 24.82
CA PHE A 159 -7.66 -11.94 24.18
C PHE A 159 -6.23 -12.41 23.94
N GLN A 160 -5.77 -13.39 24.71
CA GLN A 160 -4.43 -13.92 24.51
C GLN A 160 -4.33 -14.65 23.16
N LYS A 161 -5.39 -15.36 22.81
CA LYS A 161 -5.46 -16.04 21.51
C LYS A 161 -5.60 -15.02 20.39
N LEU A 162 -6.36 -13.96 20.64
CA LEU A 162 -6.58 -12.92 19.65
C LEU A 162 -5.30 -12.13 19.41
N ASP A 163 -4.50 -11.95 20.46
CA ASP A 163 -3.22 -11.26 20.34
C ASP A 163 -2.26 -12.05 19.47
N HIS A 164 -2.22 -13.37 19.68
CA HIS A 164 -1.32 -14.24 18.94
C HIS A 164 -1.62 -14.24 17.44
N ILE A 165 -2.90 -14.26 17.11
CA ILE A 165 -3.32 -14.25 15.70
C ILE A 165 -2.92 -12.95 15.02
N LEU A 166 -3.26 -11.83 15.64
CA LEU A 166 -2.97 -10.52 15.05
C LEU A 166 -1.47 -10.22 15.01
N THR A 167 -0.73 -10.75 15.99
CA THR A 167 0.71 -10.57 16.00
C THR A 167 1.34 -11.34 14.85
N SER A 168 0.92 -12.58 14.66
CA SER A 168 1.45 -13.43 13.59
C SER A 168 1.19 -12.84 12.21
N LEU A 169 0.01 -12.25 12.03
CA LEU A 169 -0.37 -11.67 10.75
C LEU A 169 0.44 -10.42 10.44
N GLN A 170 0.68 -9.60 11.47
CA GLN A 170 1.46 -8.37 11.31
C GLN A 170 2.92 -8.68 11.00
N GLU A 171 3.40 -9.81 11.49
CA GLU A 171 4.79 -10.20 11.27
C GLU A 171 5.03 -10.66 9.84
N ASN A 172 3.97 -11.07 9.16
CA ASN A 172 4.10 -11.48 7.77
C ASN A 172 3.52 -10.44 6.81
N ASP A 173 3.52 -9.18 7.25
CA ASP A 173 3.06 -8.05 6.45
C ASP A 173 1.68 -8.29 5.82
N ARG A 174 0.75 -8.77 6.62
CA ARG A 174 -0.61 -9.03 6.13
C ARG A 174 -1.58 -7.98 6.66
N GLN A 175 -1.02 -6.90 7.20
CA GLN A 175 -1.82 -5.83 7.80
C GLN A 175 -2.80 -5.19 6.81
N HIS A 176 -2.46 -5.24 5.53
CA HIS A 176 -3.32 -4.70 4.48
C HIS A 176 -4.47 -5.66 4.16
N ALA A 177 -4.39 -6.87 4.68
CA ALA A 177 -5.36 -7.91 4.35
C ALA A 177 -6.23 -8.28 5.56
N VAL A 178 -6.04 -7.60 6.68
CA VAL A 178 -6.74 -7.94 7.91
C VAL A 178 -7.59 -6.79 8.43
N SER A 179 -8.79 -7.11 8.89
CA SER A 179 -9.68 -6.13 9.49
C SER A 179 -10.39 -6.71 10.71
N LEU A 180 -10.86 -5.82 11.59
CA LEU A 180 -11.64 -6.23 12.74
C LEU A 180 -13.08 -5.76 12.60
N LYS A 181 -14.02 -6.67 12.84
CA LYS A 181 -15.44 -6.38 12.69
C LYS A 181 -16.23 -6.86 13.89
N VAL A 182 -16.84 -5.92 14.61
CA VAL A 182 -17.62 -6.27 15.79
C VAL A 182 -19.11 -6.00 15.57
N VAL A 183 -19.92 -7.02 15.81
CA VAL A 183 -21.37 -6.91 15.66
C VAL A 183 -21.96 -6.24 16.90
N ILE A 184 -22.82 -5.24 16.69
CA ILE A 184 -23.40 -4.49 17.80
C ILE A 184 -24.91 -4.71 17.89
N PHE A 185 -25.37 -5.06 19.09
CA PHE A 185 -26.79 -5.21 19.37
C PHE A 185 -27.26 -4.16 20.37
N ASN A 186 -26.36 -3.78 21.27
CA ASN A 186 -26.67 -2.79 22.30
C ASN A 186 -25.47 -1.95 22.69
N ASP A 187 -25.63 -1.14 23.73
CA ASP A 187 -24.56 -0.24 24.19
C ASP A 187 -23.39 -1.01 24.78
N GLU A 188 -23.70 -2.16 25.39
CA GLU A 188 -22.69 -3.00 26.01
C GLU A 188 -21.71 -3.53 24.96
N ASP A 189 -22.25 -3.92 23.81
CA ASP A 189 -21.42 -4.41 22.71
C ASP A 189 -20.54 -3.29 22.17
N LEU A 190 -21.10 -2.08 22.13
CA LEU A 190 -20.40 -0.92 21.61
C LEU A 190 -19.20 -0.57 22.48
N GLU A 191 -19.34 -0.74 23.79
CA GLU A 191 -18.24 -0.50 24.71
C GLU A 191 -17.17 -1.58 24.54
N PHE A 192 -17.61 -2.81 24.28
CA PHE A 192 -16.70 -3.91 24.01
C PHE A 192 -15.93 -3.64 22.72
N ALA A 193 -16.62 -3.11 21.72
CA ALA A 193 -16.01 -2.79 20.43
C ALA A 193 -14.92 -1.74 20.60
N LYS A 194 -15.17 -0.76 21.47
CA LYS A 194 -14.19 0.29 21.73
C LYS A 194 -12.93 -0.30 22.36
N THR A 195 -13.12 -1.25 23.28
CA THR A 195 -12.00 -1.91 23.94
C THR A 195 -11.12 -2.64 22.94
N VAL A 196 -11.76 -3.33 21.99
CA VAL A 196 -11.04 -4.06 20.95
C VAL A 196 -10.28 -3.09 20.04
N HIS A 197 -10.95 -2.01 19.65
CA HIS A 197 -10.36 -1.02 18.76
C HIS A 197 -9.17 -0.31 19.40
N LYS A 198 -9.27 -0.02 20.69
CA LYS A 198 -8.19 0.62 21.42
C LYS A 198 -6.99 -0.32 21.56
N ARG A 199 -7.26 -1.61 21.68
CA ARG A 199 -6.22 -2.61 21.88
C ARG A 199 -5.40 -2.82 20.60
N TYR A 200 -6.06 -2.66 19.46
CA TYR A 200 -5.38 -2.82 18.18
C TYR A 200 -5.60 -1.59 17.29
N PRO A 201 -4.81 -0.54 17.53
CA PRO A 201 -5.00 0.77 16.90
C PRO A 201 -4.75 0.79 15.38
N GLY A 202 -3.81 -0.02 14.91
CA GLY A 202 -3.42 0.00 13.51
C GLY A 202 -4.36 -0.78 12.59
N ILE A 203 -5.16 -1.66 13.18
CA ILE A 203 -6.05 -2.52 12.41
C ILE A 203 -7.34 -1.81 12.02
N PRO A 204 -7.69 -1.85 10.72
CA PRO A 204 -8.96 -1.30 10.22
C PRO A 204 -10.16 -1.88 10.97
N PHE A 205 -10.99 -1.01 11.52
CA PHE A 205 -12.07 -1.44 12.40
C PHE A 205 -13.44 -1.25 11.78
N TYR A 206 -14.31 -2.25 11.95
CA TYR A 206 -15.65 -2.22 11.37
C TYR A 206 -16.72 -2.48 12.42
N LEU A 207 -17.85 -1.79 12.29
CA LEU A 207 -19.01 -2.03 13.14
C LEU A 207 -20.16 -2.55 12.30
N GLN A 208 -20.80 -3.61 12.77
CA GLN A 208 -21.88 -4.24 12.01
C GLN A 208 -23.18 -4.28 12.81
N VAL A 209 -24.28 -3.95 12.14
CA VAL A 209 -25.59 -3.96 12.75
C VAL A 209 -26.05 -5.39 13.05
N GLY A 210 -26.44 -5.63 14.30
CA GLY A 210 -26.91 -6.93 14.70
C GLY A 210 -28.32 -7.23 14.25
N ASN A 211 -28.55 -8.46 13.81
CA ASN A 211 -29.88 -8.88 13.36
C ASN A 211 -30.65 -9.57 14.48
N ASP A 212 -31.79 -8.97 14.85
CA ASP A 212 -32.63 -9.51 15.92
C ASP A 212 -33.27 -10.84 15.53
N ASP A 213 -34.06 -10.84 14.47
CA ASP A 213 -34.78 -12.03 14.05
C ASP A 213 -34.13 -12.66 12.82
N VAL A 214 -33.36 -13.71 13.04
CA VAL A 214 -32.69 -14.41 11.95
C VAL A 214 -33.56 -15.52 11.38
N HIS A 215 -34.80 -15.61 11.87
CA HIS A 215 -35.71 -16.67 11.45
C HIS A 215 -36.94 -16.14 10.74
N THR A 216 -37.24 -14.85 10.91
CA THR A 216 -38.44 -14.25 10.33
C THR A 216 -38.47 -14.38 8.82
N THR A 217 -39.68 -14.46 8.27
CA THR A 217 -39.85 -14.61 6.83
C THR A 217 -40.46 -13.35 6.23
N ASP A 218 -40.85 -12.42 7.10
CA ASP A 218 -41.41 -11.14 6.66
C ASP A 218 -40.28 -10.16 6.36
N ASP A 219 -39.90 -10.07 5.09
CA ASP A 219 -38.76 -9.25 4.67
C ASP A 219 -38.99 -7.75 4.92
N GLN A 220 -40.18 -7.28 4.56
CA GLN A 220 -40.49 -5.85 4.66
C GLN A 220 -40.36 -5.31 6.07
N SER A 221 -40.83 -6.08 7.05
CA SER A 221 -40.70 -5.69 8.45
C SER A 221 -39.26 -5.79 8.91
N LEU A 222 -38.55 -6.80 8.42
CA LEU A 222 -37.17 -7.02 8.79
C LEU A 222 -36.27 -5.89 8.27
N ILE A 223 -36.46 -5.52 7.01
CA ILE A 223 -35.68 -4.46 6.38
C ILE A 223 -35.89 -3.13 7.11
N ALA A 224 -37.15 -2.78 7.37
CA ALA A 224 -37.48 -1.54 8.06
C ALA A 224 -36.93 -1.53 9.48
N HIS A 225 -36.89 -2.71 10.10
CA HIS A 225 -36.37 -2.85 11.45
C HIS A 225 -34.85 -2.68 11.49
N LEU A 226 -34.17 -3.29 10.53
CA LEU A 226 -32.71 -3.25 10.49
C LEU A 226 -32.19 -1.87 10.10
N LEU A 227 -32.92 -1.19 9.21
CA LEU A 227 -32.54 0.16 8.81
C LEU A 227 -32.69 1.13 9.98
N GLY A 228 -33.67 0.85 10.83
CA GLY A 228 -33.87 1.65 12.04
C GLY A 228 -32.75 1.43 13.03
N LYS A 229 -32.30 0.17 13.13
CA LYS A 229 -31.17 -0.17 13.99
C LYS A 229 -29.89 0.44 13.46
N TYR A 230 -29.77 0.49 12.14
CA TYR A 230 -28.60 1.06 11.49
C TYR A 230 -28.47 2.55 11.82
N GLU A 231 -29.56 3.28 11.65
CA GLU A 231 -29.56 4.72 11.91
C GLU A 231 -29.26 5.02 13.38
N ALA A 232 -29.81 4.20 14.27
CA ALA A 232 -29.57 4.36 15.71
C ALA A 232 -28.11 4.14 16.04
N LEU A 233 -27.48 3.21 15.33
CA LEU A 233 -26.06 2.93 15.52
C LEU A 233 -25.20 4.07 14.98
N VAL A 234 -25.56 4.56 13.81
CA VAL A 234 -24.85 5.68 13.19
C VAL A 234 -24.91 6.93 14.07
N ASP A 235 -26.09 7.24 14.58
CA ASP A 235 -26.28 8.39 15.44
C ASP A 235 -25.44 8.30 16.70
N LYS A 236 -25.24 7.08 17.19
CA LYS A 236 -24.49 6.85 18.42
C LYS A 236 -22.98 6.98 18.19
N VAL A 237 -22.51 6.40 17.09
CA VAL A 237 -21.09 6.43 16.75
C VAL A 237 -20.65 7.84 16.34
N ALA A 238 -21.58 8.59 15.76
CA ALA A 238 -21.30 9.94 15.27
C ALA A 238 -20.74 10.87 16.34
N VAL A 239 -21.18 10.68 17.57
CA VAL A 239 -20.77 11.57 18.66
C VAL A 239 -19.66 10.96 19.54
N ASP A 240 -19.25 9.75 19.21
CA ASP A 240 -18.19 9.08 19.98
C ASP A 240 -16.82 9.39 19.39
N ALA A 241 -15.99 10.08 20.18
CA ALA A 241 -14.68 10.52 19.72
C ALA A 241 -13.66 9.38 19.70
N GLU A 242 -14.01 8.26 20.33
CA GLU A 242 -13.11 7.11 20.38
C GLU A 242 -13.34 6.17 19.21
N LEU A 243 -14.34 6.47 18.40
CA LEU A 243 -14.66 5.64 17.24
C LEU A 243 -14.62 6.45 15.94
N ASN A 244 -13.56 7.23 15.75
CA ASN A 244 -13.41 8.05 14.57
C ASN A 244 -12.95 7.26 13.35
N LEU A 245 -11.93 6.42 13.53
CA LEU A 245 -11.43 5.59 12.45
C LEU A 245 -12.21 4.28 12.38
N VAL A 246 -13.50 4.39 12.07
CA VAL A 246 -14.40 3.24 12.11
C VAL A 246 -15.41 3.27 10.98
N ARG A 247 -15.61 2.13 10.33
CA ARG A 247 -16.66 1.98 9.33
C ARG A 247 -17.91 1.40 9.98
N VAL A 248 -19.07 1.98 9.66
CA VAL A 248 -20.34 1.47 10.18
C VAL A 248 -21.19 0.93 9.04
N LEU A 249 -21.35 -0.40 9.01
CA LEU A 249 -22.04 -1.06 7.91
C LEU A 249 -23.12 -2.03 8.38
N PRO A 250 -24.13 -2.24 7.54
CA PRO A 250 -25.17 -3.24 7.79
C PRO A 250 -24.88 -4.56 7.08
N GLN A 251 -25.87 -5.44 7.02
CA GLN A 251 -25.77 -6.65 6.23
C GLN A 251 -26.58 -6.49 4.95
N LEU A 252 -25.88 -6.19 3.85
CA LEU A 252 -26.54 -5.87 2.59
C LEU A 252 -27.38 -7.03 2.05
N HIS A 253 -26.87 -8.25 2.20
CA HIS A 253 -27.57 -9.43 1.69
C HIS A 253 -28.88 -9.66 2.45
N THR A 254 -28.92 -9.23 3.71
CA THR A 254 -30.12 -9.34 4.51
C THR A 254 -31.15 -8.29 4.07
N LEU A 255 -30.66 -7.14 3.60
CA LEU A 255 -31.53 -6.09 3.11
C LEU A 255 -32.10 -6.45 1.74
N LEU A 256 -31.43 -7.37 1.06
CA LEU A 256 -31.84 -7.78 -0.29
C LEU A 256 -32.68 -9.05 -0.31
N TRP A 257 -32.32 -10.02 0.52
CA TRP A 257 -32.97 -11.33 0.47
C TRP A 257 -33.43 -11.82 1.83
N GLY A 258 -33.26 -11.01 2.86
CA GLY A 258 -33.70 -11.38 4.20
C GLY A 258 -32.83 -12.46 4.82
N ASN A 259 -33.46 -13.45 5.41
CA ASN A 259 -32.75 -14.55 6.06
C ASN A 259 -32.60 -15.77 5.16
N LYS A 260 -32.73 -15.56 3.86
CA LYS A 260 -32.65 -16.66 2.89
C LYS A 260 -31.24 -17.20 2.77
N ARG A 261 -31.13 -18.53 2.69
CA ARG A 261 -29.84 -19.19 2.51
C ARG A 261 -29.45 -19.27 1.03
N GLY A 262 -28.17 -19.52 0.78
CA GLY A 262 -27.69 -19.72 -0.58
C GLY A 262 -27.60 -18.46 -1.41
N VAL A 263 -27.65 -17.31 -0.75
CA VAL A 263 -27.51 -16.03 -1.44
C VAL A 263 -26.57 -15.09 -0.69
N LYS B 23 7.68 -32.48 -10.07
CA LYS B 23 7.38 -31.60 -8.95
C LYS B 23 8.65 -31.17 -8.23
N GLY B 24 9.78 -31.76 -8.63
CA GLY B 24 11.06 -31.40 -8.05
C GLY B 24 11.56 -30.06 -8.56
N ILE B 25 12.27 -29.33 -7.70
CA ILE B 25 12.77 -28.01 -8.06
C ILE B 25 14.28 -28.05 -8.31
N PRO B 26 14.70 -27.67 -9.53
CA PRO B 26 16.11 -27.64 -9.91
C PRO B 26 16.89 -26.53 -9.22
N VAL B 27 17.69 -26.89 -8.22
CA VAL B 27 18.43 -25.91 -7.43
C VAL B 27 19.94 -25.99 -7.70
N LEU B 28 20.57 -24.83 -7.84
CA LEU B 28 22.01 -24.77 -8.04
C LEU B 28 22.72 -24.08 -6.88
N GLU B 29 22.05 -23.13 -6.23
CA GLU B 29 22.63 -22.40 -5.12
C GLU B 29 21.67 -22.21 -3.95
N ILE B 30 22.18 -22.43 -2.74
CA ILE B 30 21.47 -22.09 -1.51
C ILE B 30 22.48 -21.50 -0.52
N PHE B 31 22.45 -20.18 -0.35
CA PHE B 31 23.39 -19.54 0.55
C PHE B 31 22.77 -18.38 1.31
N GLY B 32 23.48 -17.91 2.34
CA GLY B 32 23.00 -16.85 3.20
C GLY B 32 23.28 -17.15 4.65
N PRO B 33 22.92 -16.23 5.55
CA PRO B 33 22.28 -14.94 5.25
C PRO B 33 23.26 -13.89 4.71
N THR B 34 22.84 -13.17 3.69
CA THR B 34 23.62 -12.08 3.13
C THR B 34 22.70 -10.87 2.93
N ILE B 35 23.14 -9.91 2.14
CA ILE B 35 22.29 -8.75 1.84
C ILE B 35 21.88 -8.73 0.38
N GLN B 36 20.67 -8.26 0.11
CA GLN B 36 20.22 -8.02 -1.25
C GLN B 36 21.00 -6.86 -1.82
N GLY B 37 21.79 -7.13 -2.87
CA GLY B 37 22.67 -6.11 -3.41
C GLY B 37 22.07 -5.29 -4.53
N GLU B 38 20.83 -5.58 -4.89
CA GLU B 38 20.20 -4.93 -6.04
C GLU B 38 18.74 -4.58 -5.83
N GLY B 39 18.27 -3.55 -6.54
CA GLY B 39 16.85 -3.31 -6.72
C GLY B 39 16.05 -2.72 -5.58
N MET B 40 14.77 -3.10 -5.55
CA MET B 40 13.77 -2.50 -4.66
C MET B 40 14.05 -2.71 -3.18
N VAL B 41 14.58 -3.87 -2.83
CA VAL B 41 14.88 -4.17 -1.43
C VAL B 41 16.37 -4.32 -1.21
N ILE B 42 17.14 -3.43 -1.81
CA ILE B 42 18.60 -3.46 -1.70
C ILE B 42 19.04 -3.25 -0.25
N GLY B 43 19.98 -4.08 0.20
CA GLY B 43 20.49 -4.00 1.55
C GLY B 43 19.76 -4.90 2.53
N GLN B 44 18.62 -5.44 2.12
CA GLN B 44 17.82 -6.32 2.96
C GLN B 44 18.55 -7.64 3.24
N LYS B 45 18.59 -8.03 4.51
CA LYS B 45 19.18 -9.31 4.87
C LYS B 45 18.28 -10.44 4.37
N THR B 46 18.84 -11.34 3.57
CA THR B 46 18.05 -12.37 2.93
C THR B 46 18.84 -13.63 2.65
N MET B 47 18.11 -14.73 2.44
CA MET B 47 18.70 -15.97 1.95
C MET B 47 18.54 -16.02 0.43
N PHE B 48 19.32 -16.88 -0.22
CA PHE B 48 19.24 -16.98 -1.67
C PHE B 48 19.03 -18.41 -2.14
N VAL B 49 18.11 -18.59 -3.06
CA VAL B 49 17.88 -19.86 -3.72
C VAL B 49 17.93 -19.64 -5.23
N ARG B 50 19.03 -20.04 -5.85
CA ARG B 50 19.21 -19.84 -7.28
C ARG B 50 18.87 -21.12 -8.05
N THR B 51 17.87 -21.03 -8.93
CA THR B 51 17.41 -22.19 -9.69
C THR B 51 18.14 -22.30 -11.02
N ALA B 52 17.91 -23.41 -11.73
CA ALA B 52 18.57 -23.65 -13.00
C ALA B 52 17.61 -23.47 -14.17
N GLY B 53 18.15 -23.08 -15.32
CA GLY B 53 17.37 -22.93 -16.54
C GLY B 53 17.04 -21.49 -16.88
N CYS B 54 17.28 -21.12 -18.14
CA CYS B 54 16.90 -19.80 -18.62
C CYS B 54 16.40 -19.85 -20.05
N ASP B 55 15.36 -19.07 -20.34
CA ASP B 55 14.85 -18.94 -21.70
C ASP B 55 15.60 -17.83 -22.43
N TYR B 56 16.40 -17.08 -21.69
CA TYR B 56 17.28 -16.06 -22.27
C TYR B 56 18.72 -16.54 -22.30
N SER B 57 19.55 -15.85 -23.08
CA SER B 57 20.98 -16.12 -23.13
C SER B 57 21.74 -14.81 -23.25
N CYS B 58 21.50 -13.91 -22.29
CA CYS B 58 22.08 -12.58 -22.31
C CYS B 58 23.60 -12.62 -22.33
N SER B 59 24.20 -11.76 -23.15
CA SER B 59 25.65 -11.79 -23.40
C SER B 59 26.47 -11.45 -22.16
N TRP B 60 25.87 -10.73 -21.22
CA TRP B 60 26.60 -10.34 -20.01
C TRP B 60 26.01 -10.97 -18.74
N CYS B 61 25.36 -12.13 -18.90
CA CYS B 61 24.79 -12.86 -17.76
C CYS B 61 25.88 -13.15 -16.73
N ASP B 62 25.74 -12.57 -15.55
CA ASP B 62 26.73 -12.75 -14.48
C ASP B 62 26.55 -14.07 -13.76
N SER B 63 25.55 -14.83 -14.17
CA SER B 63 25.30 -16.16 -13.62
C SER B 63 25.01 -17.14 -14.75
N ALA B 64 25.92 -17.19 -15.73
CA ALA B 64 25.73 -17.98 -16.94
C ALA B 64 25.65 -19.47 -16.66
N PHE B 65 26.29 -19.90 -15.58
CA PHE B 65 26.35 -21.32 -15.22
C PHE B 65 24.96 -21.91 -14.95
N THR B 66 23.97 -21.05 -14.79
CA THR B 66 22.61 -21.50 -14.52
C THR B 66 21.91 -22.02 -15.77
N TRP B 67 22.49 -21.76 -16.93
CA TRP B 67 21.83 -22.13 -18.19
C TRP B 67 22.78 -22.54 -19.31
N ASP B 68 24.07 -22.22 -19.19
CA ASP B 68 25.01 -22.50 -20.27
C ASP B 68 25.39 -23.98 -20.33
N GLY B 69 24.90 -24.75 -19.36
CA GLY B 69 25.13 -26.19 -19.34
C GLY B 69 26.40 -26.61 -18.65
N SER B 70 27.14 -25.64 -18.12
CA SER B 70 28.42 -25.92 -17.46
C SER B 70 28.22 -26.51 -16.07
N ALA B 71 27.01 -26.38 -15.53
CA ALA B 71 26.72 -26.87 -14.19
C ALA B 71 25.45 -27.71 -14.16
N LYS B 72 25.13 -28.35 -15.28
CA LYS B 72 23.94 -29.17 -15.39
C LYS B 72 24.03 -30.39 -14.48
N LYS B 73 25.25 -30.87 -14.27
CA LYS B 73 25.47 -32.05 -13.42
C LYS B 73 25.37 -31.68 -11.94
N ASP B 74 25.48 -30.39 -11.64
CA ASP B 74 25.43 -29.91 -10.25
C ASP B 74 24.01 -29.61 -9.80
N ILE B 75 23.05 -29.78 -10.70
CA ILE B 75 21.65 -29.50 -10.40
C ILE B 75 21.08 -30.49 -9.38
N ARG B 76 20.56 -29.97 -8.28
CA ARG B 76 19.93 -30.80 -7.27
C ARG B 76 18.40 -30.61 -7.29
N TRP B 77 17.69 -31.65 -7.71
CA TRP B 77 16.23 -31.60 -7.73
C TRP B 77 15.67 -31.82 -6.34
N MET B 78 15.21 -30.74 -5.71
CA MET B 78 14.76 -30.77 -4.34
C MET B 78 13.28 -30.44 -4.20
N THR B 79 12.65 -30.94 -3.14
CA THR B 79 11.28 -30.59 -2.83
C THR B 79 11.23 -29.28 -2.06
N ALA B 80 10.04 -28.73 -1.88
CA ALA B 80 9.87 -27.48 -1.16
C ALA B 80 10.34 -27.61 0.29
N GLU B 81 10.08 -28.77 0.89
CA GLU B 81 10.44 -29.02 2.27
C GLU B 81 11.95 -29.16 2.44
N GLU B 82 12.61 -29.75 1.45
CA GLU B 82 14.05 -29.94 1.49
C GLU B 82 14.80 -28.61 1.38
N ILE B 83 14.32 -27.73 0.50
CA ILE B 83 14.93 -26.42 0.34
C ILE B 83 14.78 -25.61 1.62
N PHE B 84 13.58 -25.65 2.20
CA PHE B 84 13.28 -24.92 3.43
C PHE B 84 14.11 -25.45 4.60
N ALA B 85 14.27 -26.76 4.67
CA ALA B 85 15.06 -27.38 5.74
C ALA B 85 16.53 -26.98 5.64
N GLU B 86 17.03 -26.88 4.42
CA GLU B 86 18.42 -26.50 4.19
C GLU B 86 18.63 -25.02 4.49
N LEU B 87 17.61 -24.21 4.19
CA LEU B 87 17.65 -22.79 4.53
C LEU B 87 17.69 -22.59 6.04
N LYS B 88 16.85 -23.33 6.75
CA LYS B 88 16.81 -23.26 8.20
C LYS B 88 18.10 -23.81 8.81
N ASP B 89 18.76 -24.70 8.08
CA ASP B 89 20.00 -25.30 8.58
C ASP B 89 21.17 -24.32 8.55
N ILE B 90 21.43 -23.71 7.39
CA ILE B 90 22.57 -22.82 7.24
C ILE B 90 22.25 -21.39 7.66
N GLY B 91 20.96 -21.10 7.84
CA GLY B 91 20.53 -19.76 8.18
C GLY B 91 20.04 -19.64 9.61
N GLY B 92 19.57 -20.75 10.18
CA GLY B 92 19.03 -20.75 11.52
C GLY B 92 17.78 -19.91 11.63
N ASP B 93 17.67 -19.14 12.69
CA ASP B 93 16.56 -18.21 12.87
C ASP B 93 17.00 -16.80 12.55
N ALA B 94 18.10 -16.68 11.82
CA ALA B 94 18.68 -15.39 11.51
C ALA B 94 18.27 -14.89 10.12
N PHE B 95 17.04 -15.19 9.72
CA PHE B 95 16.50 -14.68 8.47
C PHE B 95 14.98 -14.73 8.46
N SER B 96 14.38 -13.76 7.77
CA SER B 96 12.94 -13.70 7.59
C SER B 96 12.63 -13.35 6.14
N HIS B 97 13.65 -13.41 5.30
CA HIS B 97 13.52 -13.04 3.90
C HIS B 97 14.28 -14.01 3.01
N VAL B 98 13.65 -14.43 1.91
CA VAL B 98 14.28 -15.34 0.97
C VAL B 98 14.12 -14.82 -0.47
N THR B 99 15.24 -14.72 -1.18
CA THR B 99 15.21 -14.27 -2.56
C THR B 99 15.41 -15.43 -3.52
N ILE B 100 14.44 -15.65 -4.41
CA ILE B 100 14.52 -16.70 -5.40
C ILE B 100 14.99 -16.13 -6.74
N SER B 101 16.13 -16.62 -7.20
CA SER B 101 16.70 -16.14 -8.46
C SER B 101 17.14 -17.31 -9.34
N GLY B 102 17.88 -17.00 -10.41
CA GLY B 102 18.35 -18.02 -11.33
C GLY B 102 19.44 -17.49 -12.25
N GLY B 103 19.32 -17.73 -13.54
CA GLY B 103 18.21 -18.48 -14.11
C GLY B 103 16.94 -17.68 -14.21
N ASN B 104 15.89 -18.29 -14.77
CA ASN B 104 14.57 -17.70 -14.77
C ASN B 104 13.60 -18.57 -14.00
N PRO B 105 13.40 -18.26 -12.70
CA PRO B 105 12.52 -19.02 -11.80
C PRO B 105 11.08 -19.08 -12.30
N ALA B 106 10.71 -18.16 -13.18
CA ALA B 106 9.34 -18.11 -13.71
C ALA B 106 9.06 -19.29 -14.64
N LEU B 107 10.10 -20.03 -15.01
CA LEU B 107 9.94 -21.21 -15.83
C LEU B 107 9.39 -22.38 -15.03
N LEU B 108 9.49 -22.28 -13.71
CA LEU B 108 9.11 -23.36 -12.81
C LEU B 108 7.75 -23.13 -12.16
N LYS B 109 6.75 -23.90 -12.57
CA LYS B 109 5.43 -23.81 -11.95
C LYS B 109 5.44 -24.48 -10.59
N GLN B 110 6.28 -25.50 -10.44
CA GLN B 110 6.34 -26.26 -9.18
C GLN B 110 6.98 -25.46 -8.05
N LEU B 111 7.37 -24.23 -8.32
CA LEU B 111 7.90 -23.34 -7.30
C LEU B 111 6.78 -22.86 -6.37
N ASP B 112 5.54 -23.04 -6.79
CA ASP B 112 4.38 -22.61 -6.01
C ASP B 112 4.38 -23.22 -4.61
N ALA B 113 4.70 -24.50 -4.52
CA ALA B 113 4.71 -25.20 -3.24
C ALA B 113 5.73 -24.60 -2.28
N PHE B 114 6.84 -24.11 -2.84
CA PHE B 114 7.90 -23.53 -2.03
C PHE B 114 7.55 -22.12 -1.58
N ILE B 115 6.96 -21.33 -2.47
CA ILE B 115 6.54 -19.98 -2.13
C ILE B 115 5.46 -19.99 -1.07
N GLU B 116 4.52 -20.92 -1.20
CA GLU B 116 3.46 -21.09 -0.22
C GLU B 116 4.03 -21.49 1.14
N LEU B 117 5.00 -22.39 1.13
CA LEU B 117 5.63 -22.86 2.35
C LEU B 117 6.34 -21.73 3.08
N LEU B 118 6.91 -20.80 2.31
CA LEU B 118 7.58 -19.64 2.91
C LEU B 118 6.58 -18.74 3.61
N LYS B 119 5.45 -18.47 2.95
CA LYS B 119 4.42 -17.61 3.51
C LYS B 119 3.77 -18.26 4.73
N GLU B 120 3.69 -19.59 4.72
CA GLU B 120 3.11 -20.32 5.84
C GLU B 120 4.06 -20.38 7.03
N ASN B 121 5.29 -19.92 6.83
CA ASN B 121 6.28 -19.89 7.91
C ASN B 121 6.77 -18.48 8.18
N ASN B 122 5.94 -17.50 7.84
CA ASN B 122 6.23 -16.09 8.09
C ASN B 122 7.54 -15.64 7.47
N ILE B 123 7.80 -16.12 6.25
CA ILE B 123 9.00 -15.73 5.52
C ILE B 123 8.63 -14.95 4.26
N ARG B 124 9.12 -13.73 4.16
CA ARG B 124 8.87 -12.89 2.99
C ARG B 124 9.72 -13.35 1.81
N ALA B 125 9.11 -13.37 0.63
CA ALA B 125 9.80 -13.87 -0.56
C ALA B 125 9.99 -12.79 -1.62
N ALA B 126 11.16 -12.80 -2.25
CA ALA B 126 11.46 -11.90 -3.36
C ALA B 126 11.75 -12.71 -4.62
N LEU B 127 11.61 -12.09 -5.77
CA LEU B 127 11.79 -12.79 -7.03
C LEU B 127 12.53 -11.94 -8.07
N GLU B 128 13.47 -12.57 -8.78
CA GLU B 128 14.17 -11.94 -9.87
C GLU B 128 13.82 -12.62 -11.19
N THR B 129 13.21 -11.89 -12.11
CA THR B 129 12.83 -12.46 -13.40
C THR B 129 12.89 -11.40 -14.51
N GLN B 130 13.10 -11.84 -15.74
CA GLN B 130 13.22 -10.90 -16.85
C GLN B 130 11.86 -10.52 -17.44
N GLY B 131 10.81 -11.22 -17.00
CA GLY B 131 9.47 -10.89 -17.42
C GLY B 131 9.06 -11.47 -18.76
N THR B 132 9.19 -12.78 -18.91
CA THR B 132 8.77 -13.46 -20.13
C THR B 132 7.62 -14.42 -19.85
N VAL B 133 7.80 -15.28 -18.85
CA VAL B 133 6.79 -16.25 -18.48
C VAL B 133 6.08 -15.83 -17.20
N TYR B 134 4.75 -15.95 -17.19
CA TYR B 134 3.98 -15.63 -15.99
C TYR B 134 3.60 -16.89 -15.23
N GLN B 135 3.61 -16.80 -13.90
CA GLN B 135 3.14 -17.87 -13.04
C GLN B 135 2.16 -17.32 -12.01
N ASP B 136 1.20 -18.13 -11.61
CA ASP B 136 0.17 -17.69 -10.68
C ASP B 136 0.70 -17.42 -9.28
N TRP B 137 1.85 -17.98 -8.96
CA TRP B 137 2.45 -17.76 -7.64
C TRP B 137 3.21 -16.44 -7.57
N PHE B 138 3.14 -15.64 -8.63
CA PHE B 138 3.69 -14.30 -8.63
C PHE B 138 2.96 -13.43 -7.59
N THR B 139 1.68 -13.73 -7.39
CA THR B 139 0.84 -12.96 -6.48
C THR B 139 1.19 -13.19 -5.02
N LEU B 140 2.04 -14.18 -4.76
CA LEU B 140 2.48 -14.49 -3.40
C LEU B 140 3.84 -13.86 -3.10
N ILE B 141 4.47 -13.30 -4.12
CA ILE B 141 5.77 -12.66 -3.97
C ILE B 141 5.65 -11.28 -3.35
N ASP B 142 6.41 -11.04 -2.28
CA ASP B 142 6.37 -9.75 -1.59
C ASP B 142 7.18 -8.69 -2.32
N ASP B 143 8.26 -9.11 -2.98
CA ASP B 143 9.13 -8.19 -3.69
C ASP B 143 9.49 -8.72 -5.07
N LEU B 144 8.65 -8.40 -6.06
CA LEU B 144 8.83 -8.93 -7.40
C LEU B 144 9.57 -7.94 -8.29
N THR B 145 10.79 -8.31 -8.67
CA THR B 145 11.59 -7.48 -9.56
C THR B 145 11.56 -8.02 -10.99
N ILE B 146 11.02 -7.22 -11.91
CA ILE B 146 11.02 -7.59 -13.32
C ILE B 146 12.11 -6.82 -14.05
N SER B 147 12.97 -7.55 -14.77
CA SER B 147 14.12 -6.93 -15.42
C SER B 147 14.17 -7.20 -16.92
N PRO B 148 13.44 -6.39 -17.70
CA PRO B 148 13.49 -6.46 -19.16
C PRO B 148 14.90 -6.21 -19.68
N LYS B 149 15.33 -6.98 -20.67
CA LYS B 149 16.71 -6.92 -21.13
C LYS B 149 16.91 -5.94 -22.29
N PRO B 150 17.93 -5.07 -22.17
CA PRO B 150 18.31 -4.06 -23.16
C PRO B 150 19.03 -4.66 -24.36
N PRO B 151 19.11 -3.92 -25.48
CA PRO B 151 19.76 -4.37 -26.71
C PRO B 151 21.20 -4.87 -26.52
N SER B 152 21.89 -4.41 -25.48
CA SER B 152 23.26 -4.83 -25.24
C SER B 152 23.34 -6.29 -24.80
N SER B 153 22.22 -6.83 -24.37
CA SER B 153 22.15 -8.23 -23.94
C SER B 153 21.91 -9.15 -25.13
N LYS B 154 21.79 -8.54 -26.31
CA LYS B 154 21.53 -9.25 -27.56
C LYS B 154 20.17 -9.97 -27.53
N MET B 155 19.33 -9.60 -26.56
CA MET B 155 18.01 -10.20 -26.42
C MET B 155 16.93 -9.30 -27.01
N VAL B 156 15.87 -9.91 -27.51
CA VAL B 156 14.74 -9.16 -28.05
C VAL B 156 13.56 -9.24 -27.08
N THR B 157 13.04 -8.09 -26.68
CA THR B 157 11.98 -8.03 -25.67
C THR B 157 10.59 -8.19 -26.27
N ASN B 158 9.89 -9.24 -25.84
CA ASN B 158 8.50 -9.44 -26.21
C ASN B 158 7.60 -8.63 -25.29
N PHE B 159 7.16 -7.47 -25.78
CA PHE B 159 6.38 -6.56 -24.95
C PHE B 159 4.96 -7.04 -24.69
N GLN B 160 4.44 -7.91 -25.56
CA GLN B 160 3.11 -8.45 -25.38
C GLN B 160 3.07 -9.35 -24.15
N LYS B 161 4.14 -10.12 -23.96
CA LYS B 161 4.27 -10.98 -22.79
C LYS B 161 4.48 -10.14 -21.53
N LEU B 162 5.25 -9.06 -21.67
CA LEU B 162 5.53 -8.16 -20.55
C LEU B 162 4.27 -7.42 -20.13
N ASP B 163 3.42 -7.08 -21.10
CA ASP B 163 2.16 -6.42 -20.80
C ASP B 163 1.23 -7.33 -20.01
N HIS B 164 1.16 -8.59 -20.41
CA HIS B 164 0.29 -9.57 -19.75
C HIS B 164 0.68 -9.78 -18.30
N ILE B 165 1.98 -9.87 -18.03
CA ILE B 165 2.47 -10.06 -16.68
C ILE B 165 2.12 -8.87 -15.78
N LEU B 166 2.43 -7.67 -16.24
CA LEU B 166 2.20 -6.46 -15.46
C LEU B 166 0.71 -6.16 -15.30
N THR B 167 -0.09 -6.54 -16.30
CA THR B 167 -1.53 -6.35 -16.21
C THR B 167 -2.12 -7.28 -15.15
N SER B 168 -1.68 -8.54 -15.16
CA SER B 168 -2.17 -9.53 -14.21
C SER B 168 -1.83 -9.15 -12.77
N LEU B 169 -0.63 -8.60 -12.57
CA LEU B 169 -0.18 -8.22 -11.25
C LEU B 169 -0.96 -7.02 -10.71
N GLN B 170 -1.25 -6.06 -11.59
CA GLN B 170 -2.00 -4.87 -11.21
C GLN B 170 -3.45 -5.21 -10.87
N GLU B 171 -3.97 -6.25 -11.50
CA GLU B 171 -5.35 -6.68 -11.26
C GLU B 171 -5.52 -7.34 -9.90
N ASN B 172 -4.42 -7.84 -9.34
CA ASN B 172 -4.45 -8.47 -8.02
C ASN B 172 -3.83 -7.57 -6.95
N ASP B 173 -3.90 -6.26 -7.19
CA ASP B 173 -3.32 -5.23 -6.32
C ASP B 173 -1.94 -5.59 -5.77
N ARG B 174 -1.04 -5.96 -6.67
CA ARG B 174 0.33 -6.28 -6.29
C ARG B 174 1.29 -5.17 -6.72
N GLN B 175 0.72 -4.03 -7.07
CA GLN B 175 1.48 -2.87 -7.54
C GLN B 175 2.53 -2.40 -6.54
N HIS B 176 2.26 -2.64 -5.25
CA HIS B 176 3.17 -2.27 -4.19
C HIS B 176 4.33 -3.24 -4.08
N ALA B 177 4.21 -4.38 -4.75
CA ALA B 177 5.19 -5.45 -4.64
C ALA B 177 5.98 -5.65 -5.93
N VAL B 178 5.74 -4.81 -6.92
CA VAL B 178 6.37 -4.96 -8.23
C VAL B 178 7.21 -3.75 -8.62
N SER B 179 8.38 -4.02 -9.19
CA SER B 179 9.25 -2.95 -9.69
C SER B 179 9.88 -3.35 -11.03
N LEU B 180 10.31 -2.34 -11.79
CA LEU B 180 11.02 -2.58 -13.04
C LEU B 180 12.47 -2.15 -12.90
N LYS B 181 13.38 -3.02 -13.32
CA LYS B 181 14.81 -2.75 -13.20
C LYS B 181 15.54 -3.05 -14.51
N VAL B 182 16.12 -2.03 -15.12
CA VAL B 182 16.84 -2.20 -16.38
C VAL B 182 18.33 -1.97 -16.21
N VAL B 183 19.12 -2.95 -16.62
CA VAL B 183 20.58 -2.86 -16.55
C VAL B 183 21.11 -2.02 -17.70
N ILE B 184 21.98 -1.07 -17.39
CA ILE B 184 22.51 -0.17 -18.41
C ILE B 184 24.01 -0.38 -18.63
N PHE B 185 24.41 -0.55 -19.89
CA PHE B 185 25.81 -0.67 -20.25
C PHE B 185 26.23 0.51 -21.12
N ASN B 186 25.29 1.04 -21.90
CA ASN B 186 25.57 2.16 -22.78
C ASN B 186 24.35 3.06 -22.99
N ASP B 187 24.47 4.01 -23.92
CA ASP B 187 23.39 4.96 -24.16
C ASP B 187 22.18 4.29 -24.81
N GLU B 188 22.43 3.25 -25.59
CA GLU B 188 21.34 2.55 -26.27
C GLU B 188 20.45 1.84 -25.25
N ASP B 189 21.05 1.28 -24.20
CA ASP B 189 20.28 0.64 -23.15
C ASP B 189 19.44 1.67 -22.40
N LEU B 190 20.02 2.86 -22.22
CA LEU B 190 19.36 3.93 -21.50
C LEU B 190 18.11 4.41 -22.24
N GLU B 191 18.18 4.43 -23.56
CA GLU B 191 17.03 4.82 -24.37
C GLU B 191 15.97 3.73 -24.31
N PHE B 192 16.41 2.48 -24.25
CA PHE B 192 15.51 1.34 -24.10
C PHE B 192 14.80 1.42 -22.75
N ALA B 193 15.56 1.79 -21.72
CA ALA B 193 15.01 1.93 -20.37
C ALA B 193 13.93 3.00 -20.31
N LYS B 194 14.14 4.09 -21.04
CA LYS B 194 13.16 5.17 -21.09
C LYS B 194 11.87 4.68 -21.74
N THR B 195 11.99 3.88 -22.78
CA THR B 195 10.83 3.33 -23.48
C THR B 195 10.01 2.46 -22.54
N VAL B 196 10.68 1.64 -21.75
CA VAL B 196 10.00 0.77 -20.79
C VAL B 196 9.32 1.59 -19.70
N HIS B 197 10.02 2.60 -19.20
CA HIS B 197 9.49 3.46 -18.14
C HIS B 197 8.27 4.25 -18.61
N LYS B 198 8.31 4.73 -19.84
CA LYS B 198 7.18 5.47 -20.42
C LYS B 198 5.97 4.57 -20.62
N ARG B 199 6.23 3.30 -20.95
CA ARG B 199 5.16 2.36 -21.22
C ARG B 199 4.42 1.96 -19.96
N TYR B 200 5.12 1.95 -18.83
CA TYR B 200 4.53 1.60 -17.55
C TYR B 200 4.81 2.69 -16.52
N PRO B 201 4.02 3.77 -16.54
CA PRO B 201 4.24 4.97 -15.74
C PRO B 201 4.08 4.76 -14.24
N GLY B 202 3.15 3.91 -13.83
CA GLY B 202 2.85 3.73 -12.43
C GLY B 202 3.82 2.81 -11.69
N ILE B 203 4.58 2.03 -12.45
CA ILE B 203 5.50 1.06 -11.86
C ILE B 203 6.82 1.70 -11.43
N PRO B 204 7.24 1.46 -10.18
CA PRO B 204 8.54 1.92 -9.68
C PRO B 204 9.69 1.46 -10.56
N PHE B 205 10.51 2.40 -11.03
CA PHE B 205 11.53 2.09 -12.02
C PHE B 205 12.94 2.19 -11.44
N TYR B 206 13.78 1.23 -11.81
CA TYR B 206 15.14 1.17 -11.31
C TYR B 206 16.17 1.06 -12.45
N LEU B 207 17.30 1.72 -12.28
CA LEU B 207 18.41 1.60 -13.21
C LEU B 207 19.61 0.97 -12.53
N GLN B 208 20.20 -0.03 -13.18
CA GLN B 208 21.32 -0.76 -12.58
C GLN B 208 22.56 -0.69 -13.44
N VAL B 209 23.71 -0.46 -12.79
CA VAL B 209 24.99 -0.39 -13.48
C VAL B 209 25.41 -1.75 -14.00
N GLY B 210 25.73 -1.81 -15.29
CA GLY B 210 26.16 -3.05 -15.91
C GLY B 210 27.59 -3.41 -15.57
N ASN B 211 27.83 -4.70 -15.33
CA ASN B 211 29.17 -5.19 -15.02
C ASN B 211 29.88 -5.70 -16.27
N ASP B 212 31.00 -5.06 -16.61
CA ASP B 212 31.78 -5.43 -17.79
C ASP B 212 32.42 -6.81 -17.64
N ASP B 213 33.27 -6.96 -16.64
CA ASP B 213 34.00 -8.21 -16.43
C ASP B 213 33.41 -9.01 -15.28
N VAL B 214 32.61 -10.02 -15.60
CA VAL B 214 31.99 -10.86 -14.59
C VAL B 214 32.88 -12.05 -14.24
N HIS B 215 34.09 -12.07 -14.80
CA HIS B 215 35.00 -13.18 -14.59
C HIS B 215 36.29 -12.77 -13.88
N THR B 216 36.58 -11.47 -13.88
CA THR B 216 37.82 -10.97 -13.29
C THR B 216 37.93 -11.31 -11.81
N THR B 217 39.16 -11.49 -11.34
CA THR B 217 39.42 -11.85 -9.96
C THR B 217 40.07 -10.69 -9.22
N ASP B 218 40.43 -9.64 -9.96
CA ASP B 218 41.02 -8.45 -9.36
C ASP B 218 39.91 -7.50 -8.87
N ASP B 219 39.61 -7.60 -7.58
CA ASP B 219 38.51 -6.85 -6.99
C ASP B 219 38.74 -5.33 -7.02
N GLN B 220 39.94 -4.92 -6.66
CA GLN B 220 40.27 -3.49 -6.56
C GLN B 220 40.06 -2.75 -7.88
N SER B 221 40.47 -3.38 -8.98
CA SER B 221 40.29 -2.77 -10.30
C SER B 221 38.81 -2.80 -10.69
N LEU B 222 38.13 -3.87 -10.31
CA LEU B 222 36.71 -4.04 -10.63
C LEU B 222 35.86 -3.00 -9.91
N ILE B 223 36.12 -2.81 -8.62
CA ILE B 223 35.40 -1.84 -7.81
C ILE B 223 35.58 -0.42 -8.34
N ALA B 224 36.82 -0.05 -8.62
CA ALA B 224 37.13 1.28 -9.13
C ALA B 224 36.49 1.50 -10.51
N HIS B 225 36.42 0.43 -11.29
CA HIS B 225 35.83 0.49 -12.62
C HIS B 225 34.31 0.66 -12.55
N LEU B 226 33.67 -0.08 -11.65
CA LEU B 226 32.22 -0.05 -11.52
C LEU B 226 31.73 1.26 -10.90
N LEU B 227 32.51 1.81 -9.98
CA LEU B 227 32.17 3.09 -9.35
C LEU B 227 32.27 4.21 -10.38
N GLY B 228 33.20 4.07 -11.32
CA GLY B 228 33.35 5.03 -12.40
C GLY B 228 32.18 4.95 -13.36
N LYS B 229 31.70 3.74 -13.61
CA LYS B 229 30.54 3.53 -14.45
C LYS B 229 29.28 4.05 -13.77
N TYR B 230 29.24 3.92 -12.45
CA TYR B 230 28.11 4.38 -11.66
C TYR B 230 27.98 5.90 -11.76
N GLU B 231 29.09 6.60 -11.55
CA GLU B 231 29.10 8.06 -11.59
C GLU B 231 28.72 8.58 -12.98
N ALA B 232 29.21 7.90 -14.01
CA ALA B 232 28.89 8.27 -15.39
C ALA B 232 27.41 8.11 -15.67
N LEU B 233 26.80 7.08 -15.07
CA LEU B 233 25.39 6.83 -15.23
C LEU B 233 24.56 7.88 -14.49
N VAL B 234 24.99 8.20 -13.27
CA VAL B 234 24.33 9.21 -12.45
C VAL B 234 24.35 10.57 -13.14
N ASP B 235 25.52 10.95 -13.66
CA ASP B 235 25.67 12.22 -14.36
C ASP B 235 24.76 12.32 -15.57
N LYS B 236 24.51 11.19 -16.23
CA LYS B 236 23.70 11.14 -17.43
C LYS B 236 22.21 11.24 -17.10
N VAL B 237 21.79 10.51 -16.07
CA VAL B 237 20.38 10.49 -15.66
C VAL B 237 19.98 11.82 -15.03
N ALA B 238 20.95 12.48 -14.39
CA ALA B 238 20.72 13.74 -13.68
C ALA B 238 20.11 14.82 -14.58
N VAL B 239 20.48 14.82 -15.86
CA VAL B 239 20.03 15.86 -16.78
C VAL B 239 18.87 15.39 -17.67
N ASP B 240 18.46 14.14 -17.50
CA ASP B 240 17.36 13.59 -18.31
C ASP B 240 16.03 13.83 -17.61
N ALA B 241 15.16 14.62 -18.24
CA ALA B 241 13.89 14.99 -17.65
C ALA B 241 12.84 13.87 -17.74
N GLU B 242 13.14 12.86 -18.54
CA GLU B 242 12.24 11.73 -18.72
C GLU B 242 12.52 10.62 -17.70
N LEU B 243 13.56 10.80 -16.90
CA LEU B 243 13.94 9.81 -15.90
C LEU B 243 13.97 10.42 -14.50
N ASN B 244 12.92 11.16 -14.15
CA ASN B 244 12.86 11.80 -12.85
C ASN B 244 12.45 10.84 -11.73
N LEU B 245 11.41 10.05 -11.98
CA LEU B 245 10.96 9.07 -11.00
C LEU B 245 11.73 7.75 -11.17
N VAL B 246 13.04 7.81 -10.92
CA VAL B 246 13.91 6.68 -11.18
C VAL B 246 14.99 6.54 -10.11
N ARG B 247 15.21 5.31 -9.65
CA ARG B 247 16.30 5.01 -8.74
C ARG B 247 17.53 4.54 -9.53
N VAL B 248 18.70 5.06 -9.20
CA VAL B 248 19.93 4.63 -9.86
C VAL B 248 20.84 3.92 -8.85
N LEU B 249 21.00 2.60 -9.03
CA LEU B 249 21.73 1.78 -8.07
C LEU B 249 22.77 0.89 -8.73
N PRO B 250 23.83 0.55 -7.98
CA PRO B 250 24.84 -0.40 -8.45
C PRO B 250 24.57 -1.80 -7.92
N GLN B 251 25.55 -2.69 -8.05
CA GLN B 251 25.48 -4.01 -7.43
C GLN B 251 26.35 -4.03 -6.19
N LEU B 252 25.73 -3.89 -5.02
CA LEU B 252 26.46 -3.77 -3.77
C LEU B 252 27.31 -5.00 -3.44
N HIS B 253 26.78 -6.18 -3.74
CA HIS B 253 27.49 -7.42 -3.45
C HIS B 253 28.76 -7.54 -4.30
N THR B 254 28.73 -6.93 -5.49
CA THR B 254 29.89 -6.93 -6.36
C THR B 254 30.94 -5.96 -5.83
N LEU B 255 30.50 -4.89 -5.18
CA LEU B 255 31.41 -3.93 -4.58
C LEU B 255 32.04 -4.49 -3.31
N LEU B 256 31.40 -5.50 -2.74
CA LEU B 256 31.87 -6.09 -1.48
C LEU B 256 32.70 -7.35 -1.70
N TRP B 257 32.28 -8.20 -2.63
CA TRP B 257 32.92 -9.50 -2.81
C TRP B 257 33.31 -9.79 -4.26
N GLY B 258 33.10 -8.83 -5.15
CA GLY B 258 33.44 -9.01 -6.55
C GLY B 258 32.54 -9.97 -7.27
N ASN B 259 33.12 -10.88 -8.04
CA ASN B 259 32.36 -11.86 -8.80
C ASN B 259 32.25 -13.21 -8.08
N LYS B 260 32.45 -13.18 -6.77
CA LYS B 260 32.42 -14.41 -5.99
C LYS B 260 31.01 -14.97 -5.86
N ARG B 261 30.89 -16.29 -5.95
CA ARG B 261 29.60 -16.97 -5.81
C ARG B 261 29.29 -17.26 -4.34
N GLY B 262 28.02 -17.53 -4.05
CA GLY B 262 27.61 -17.94 -2.73
C GLY B 262 27.57 -16.81 -1.71
N VAL B 263 27.61 -15.57 -2.20
CA VAL B 263 27.53 -14.41 -1.33
C VAL B 263 26.56 -13.37 -1.87
N LYS C 23 9.52 34.26 8.98
CA LYS C 23 8.97 33.33 7.98
C LYS C 23 10.03 32.94 6.95
N GLY C 24 11.20 33.54 7.05
CA GLY C 24 12.30 33.21 6.16
C GLY C 24 12.94 31.89 6.52
N ILE C 25 13.41 31.16 5.51
CA ILE C 25 14.02 29.86 5.74
C ILE C 25 15.54 29.92 5.59
N PRO C 26 16.27 29.56 6.66
CA PRO C 26 17.73 29.57 6.65
C PRO C 26 18.32 28.46 5.78
N VAL C 27 18.83 28.83 4.60
CA VAL C 27 19.36 27.86 3.66
C VAL C 27 20.88 27.96 3.52
N LEU C 28 21.55 26.80 3.50
CA LEU C 28 22.99 26.78 3.32
C LEU C 28 23.39 26.09 2.00
N GLU C 29 22.58 25.14 1.56
CA GLU C 29 22.88 24.40 0.33
C GLU C 29 21.66 24.19 -0.54
N ILE C 30 21.82 24.41 -1.84
CA ILE C 30 20.83 24.04 -2.84
C ILE C 30 21.54 23.46 -4.05
N PHE C 31 21.50 22.14 -4.21
CA PHE C 31 22.18 21.50 -5.32
C PHE C 31 21.41 20.32 -5.89
N GLY C 32 21.84 19.88 -7.07
CA GLY C 32 21.19 18.79 -7.77
C GLY C 32 21.06 19.09 -9.25
N PRO C 33 20.49 18.16 -10.02
CA PRO C 33 19.99 16.86 -9.56
C PRO C 33 21.09 15.84 -9.30
N THR C 34 20.96 15.11 -8.19
CA THR C 34 21.88 14.04 -7.85
C THR C 34 21.07 12.82 -7.43
N ILE C 35 21.71 11.87 -6.76
CA ILE C 35 21.00 10.70 -6.26
C ILE C 35 20.98 10.68 -4.74
N GLN C 36 19.89 10.19 -4.17
CA GLN C 36 19.81 9.96 -2.73
C GLN C 36 20.75 8.81 -2.37
N GLY C 37 21.76 9.10 -1.57
CA GLY C 37 22.78 8.11 -1.28
C GLY C 37 22.51 7.27 -0.05
N GLU C 38 21.40 7.55 0.63
CA GLU C 38 21.11 6.90 1.90
C GLU C 38 19.64 6.52 2.08
N GLY C 39 19.40 5.49 2.89
CA GLY C 39 18.08 5.22 3.44
C GLY C 39 17.02 4.61 2.56
N MET C 40 15.77 4.97 2.85
CA MET C 40 14.59 4.34 2.26
C MET C 40 14.46 4.55 0.75
N VAL C 41 14.87 5.71 0.27
CA VAL C 41 14.78 6.01 -1.15
C VAL C 41 16.17 6.18 -1.76
N ILE C 42 17.08 5.30 -1.38
CA ILE C 42 18.46 5.36 -1.86
C ILE C 42 18.52 5.16 -3.38
N GLY C 43 19.29 5.99 -4.06
CA GLY C 43 19.42 5.92 -5.50
C GLY C 43 18.45 6.79 -6.26
N GLN C 44 17.45 7.32 -5.56
CA GLN C 44 16.44 8.18 -6.17
C GLN C 44 17.05 9.50 -6.63
N LYS C 45 16.75 9.90 -7.88
CA LYS C 45 17.20 11.18 -8.37
C LYS C 45 16.44 12.29 -7.66
N THR C 46 17.17 13.21 -7.04
CA THR C 46 16.55 14.23 -6.21
C THR C 46 17.36 15.52 -6.15
N MET C 47 16.70 16.60 -5.76
CA MET C 47 17.37 17.85 -5.45
C MET C 47 17.61 17.92 -3.95
N PHE C 48 18.52 18.77 -3.52
CA PHE C 48 18.82 18.90 -2.10
C PHE C 48 18.71 20.33 -1.60
N VAL C 49 18.05 20.49 -0.45
CA VAL C 49 17.98 21.77 0.23
C VAL C 49 18.43 21.57 1.68
N ARG C 50 19.65 21.98 1.98
CA ARG C 50 20.19 21.80 3.32
C ARG C 50 20.02 23.08 4.15
N THR C 51 19.30 22.97 5.25
CA THR C 51 19.04 24.13 6.11
C THR C 51 20.08 24.26 7.21
N ALA C 52 20.01 25.37 7.95
CA ALA C 52 20.98 25.64 9.01
C ALA C 52 20.37 25.45 10.39
N GLY C 53 21.21 25.07 11.35
CA GLY C 53 20.77 24.92 12.73
C GLY C 53 20.56 23.48 13.16
N CYS C 54 21.12 23.12 14.31
CA CYS C 54 20.91 21.79 14.87
C CYS C 54 20.80 21.85 16.39
N ASP C 55 19.89 21.06 16.94
CA ASP C 55 19.75 20.93 18.39
C ASP C 55 20.70 19.84 18.90
N TYR C 56 21.29 19.10 17.97
CA TYR C 56 22.30 18.10 18.31
C TYR C 56 23.69 18.61 17.97
N SER C 57 24.71 17.93 18.50
CA SER C 57 26.09 18.23 18.17
C SER C 57 26.88 16.93 18.10
N CYS C 58 26.42 16.02 17.25
CA CYS C 58 27.01 14.70 17.11
C CYS C 58 28.48 14.77 16.73
N SER C 59 29.30 13.92 17.38
CA SER C 59 30.74 13.99 17.23
C SER C 59 31.23 13.65 15.82
N TRP C 60 30.42 12.91 15.07
CA TRP C 60 30.82 12.53 13.71
C TRP C 60 29.90 13.13 12.65
N CYS C 61 29.29 14.27 12.95
CA CYS C 61 28.44 15.00 12.01
C CYS C 61 29.21 15.29 10.73
N ASP C 62 28.79 14.70 9.62
CA ASP C 62 29.46 14.88 8.35
C ASP C 62 29.07 16.20 7.68
N SER C 63 28.19 16.96 8.34
CA SER C 63 27.79 18.27 7.87
C SER C 63 27.78 19.25 9.04
N ALA C 64 28.92 19.33 9.74
CA ALA C 64 29.02 20.12 10.96
C ALA C 64 28.84 21.61 10.70
N PHE C 65 29.19 22.05 9.49
CA PHE C 65 29.12 23.46 9.13
C PHE C 65 27.70 24.03 9.23
N THR C 66 26.72 23.14 9.33
CA THR C 66 25.32 23.58 9.42
C THR C 66 24.97 24.09 10.81
N TRP C 67 25.83 23.84 11.79
CA TRP C 67 25.51 24.21 13.16
C TRP C 67 26.71 24.65 14.00
N ASP C 68 27.93 24.34 13.54
CA ASP C 68 29.11 24.65 14.35
C ASP C 68 29.47 26.14 14.29
N GLY C 69 28.73 26.90 13.49
CA GLY C 69 28.91 28.34 13.41
C GLY C 69 29.96 28.78 12.40
N SER C 70 30.55 27.82 11.70
CA SER C 70 31.60 28.12 10.74
C SER C 70 31.04 28.70 9.44
N ALA C 71 29.74 28.54 9.25
CA ALA C 71 29.09 29.01 8.02
C ALA C 71 27.85 29.83 8.32
N LYS C 72 27.82 30.46 9.49
CA LYS C 72 26.68 31.28 9.90
C LYS C 72 26.51 32.49 9.00
N LYS C 73 27.62 33.00 8.47
CA LYS C 73 27.58 34.16 7.59
C LYS C 73 27.11 33.78 6.18
N ASP C 74 27.16 32.49 5.88
CA ASP C 74 26.77 31.99 4.57
C ASP C 74 25.28 31.68 4.49
N ILE C 75 24.59 31.83 5.61
CA ILE C 75 23.17 31.52 5.67
C ILE C 75 22.33 32.50 4.85
N ARG C 76 21.54 31.95 3.93
CA ARG C 76 20.66 32.77 3.11
C ARG C 76 19.20 32.55 3.52
N TRP C 77 18.59 33.58 4.10
CA TRP C 77 17.21 33.52 4.51
C TRP C 77 16.29 33.71 3.30
N MET C 78 15.71 32.61 2.83
CA MET C 78 14.91 32.63 1.61
C MET C 78 13.46 32.26 1.86
N THR C 79 12.57 32.74 1.00
CA THR C 79 11.16 32.38 1.06
C THR C 79 10.95 31.06 0.34
N ALA C 80 9.76 30.48 0.48
CA ALA C 80 9.43 29.22 -0.18
C ALA C 80 9.50 29.35 -1.70
N GLU C 81 9.08 30.50 -2.21
CA GLU C 81 9.06 30.74 -3.64
C GLU C 81 10.48 30.90 -4.20
N GLU C 82 11.35 31.52 -3.41
CA GLU C 82 12.73 31.74 -3.82
C GLU C 82 13.51 30.43 -3.90
N ILE C 83 13.29 29.54 -2.94
CA ILE C 83 13.94 28.24 -2.94
C ILE C 83 13.48 27.42 -4.13
N PHE C 84 12.18 27.44 -4.38
CA PHE C 84 11.59 26.70 -5.48
C PHE C 84 12.07 27.23 -6.83
N ALA C 85 12.19 28.54 -6.94
CA ALA C 85 12.65 29.16 -8.18
C ALA C 85 14.10 28.79 -8.47
N GLU C 86 14.91 28.71 -7.42
CA GLU C 86 16.31 28.36 -7.56
C GLU C 86 16.46 26.87 -7.91
N LEU C 87 15.58 26.05 -7.36
CA LEU C 87 15.54 24.63 -7.68
C LEU C 87 15.21 24.41 -9.14
N LYS C 88 14.19 25.12 -9.62
CA LYS C 88 13.77 25.04 -11.02
C LYS C 88 14.85 25.61 -11.94
N ASP C 89 15.67 26.50 -11.40
CA ASP C 89 16.73 27.14 -12.15
C ASP C 89 17.86 26.16 -12.46
N ILE C 90 18.44 25.58 -11.42
CA ILE C 90 19.60 24.72 -11.58
C ILE C 90 19.21 23.28 -11.89
N GLY C 91 17.92 22.96 -11.73
CA GLY C 91 17.44 21.62 -11.96
C GLY C 91 16.59 21.48 -13.20
N GLY C 92 15.98 22.57 -13.63
CA GLY C 92 15.10 22.56 -14.79
C GLY C 92 13.89 21.70 -14.56
N ASP C 93 13.51 20.92 -15.56
CA ASP C 93 12.41 19.97 -15.43
C ASP C 93 12.95 18.57 -15.24
N ALA C 94 14.21 18.48 -14.82
CA ALA C 94 14.88 17.20 -14.67
C ALA C 94 14.85 16.71 -13.22
N PHE C 95 13.75 16.99 -12.51
CA PHE C 95 13.57 16.48 -11.16
C PHE C 95 12.10 16.49 -10.75
N SER C 96 11.72 15.51 -9.94
CA SER C 96 10.39 15.44 -9.38
C SER C 96 10.46 15.09 -7.90
N HIS C 97 11.67 15.16 -7.36
CA HIS C 97 11.91 14.83 -5.97
CA HIS C 97 11.93 14.80 -5.97
C HIS C 97 12.86 15.82 -5.30
N VAL C 98 12.53 16.22 -4.09
CA VAL C 98 13.36 17.15 -3.34
C VAL C 98 13.60 16.64 -1.92
N THR C 99 14.86 16.57 -1.51
CA THR C 99 15.21 16.12 -0.17
C THR C 99 15.62 17.30 0.69
N ILE C 100 14.91 17.49 1.81
CA ILE C 100 15.23 18.56 2.74
C ILE C 100 16.05 18.01 3.90
N SER C 101 17.27 18.52 4.06
CA SER C 101 18.14 18.06 5.14
C SER C 101 18.77 19.25 5.86
N GLY C 102 19.76 18.96 6.70
CA GLY C 102 20.44 19.99 7.46
C GLY C 102 21.75 19.49 8.06
N GLY C 103 21.97 19.74 9.35
CA GLY C 103 21.03 20.47 10.19
C GLY C 103 19.83 19.65 10.61
N ASN C 104 18.97 20.25 11.43
CA ASN C 104 17.70 19.63 11.77
C ASN C 104 16.54 20.48 11.27
N PRO C 105 16.02 20.15 10.07
CA PRO C 105 14.92 20.89 9.43
C PRO C 105 13.66 20.93 10.28
N ALA C 106 13.55 20.00 11.24
CA ALA C 106 12.38 19.94 12.10
C ALA C 106 12.32 21.11 13.08
N LEU C 107 13.40 21.88 13.15
CA LEU C 107 13.44 23.06 14.00
C LEU C 107 12.68 24.23 13.35
N LEU C 108 12.43 24.11 12.05
CA LEU C 108 11.81 25.18 11.29
C LEU C 108 10.34 24.92 11.01
N LYS C 109 9.47 25.68 11.66
CA LYS C 109 8.03 25.55 11.42
C LYS C 109 7.67 26.22 10.09
N GLN C 110 8.42 27.24 9.72
CA GLN C 110 8.14 28.00 8.50
C GLN C 110 8.47 27.21 7.24
N LEU C 111 8.95 25.98 7.41
CA LEU C 111 9.20 25.10 6.27
C LEU C 111 7.89 24.59 5.67
N ASP C 112 6.80 24.75 6.41
CA ASP C 112 5.49 24.29 5.95
C ASP C 112 5.11 24.88 4.60
N ALA C 113 5.37 26.18 4.42
CA ALA C 113 5.03 26.87 3.19
C ALA C 113 5.80 26.28 2.00
N PHE C 114 7.01 25.82 2.25
CA PHE C 114 7.83 25.24 1.20
C PHE C 114 7.40 23.82 0.85
N ILE C 115 7.08 23.04 1.87
CA ILE C 115 6.63 21.67 1.65
C ILE C 115 5.29 21.66 0.91
N GLU C 116 4.40 22.57 1.28
CA GLU C 116 3.12 22.72 0.61
C GLU C 116 3.30 23.11 -0.85
N LEU C 117 4.23 24.02 -1.11
CA LEU C 117 4.51 24.51 -2.45
C LEU C 117 5.04 23.38 -3.34
N LEU C 118 5.81 22.47 -2.75
CA LEU C 118 6.31 21.32 -3.48
C LEU C 118 5.18 20.40 -3.90
N LYS C 119 4.27 20.11 -2.97
CA LYS C 119 3.14 19.23 -3.24
C LYS C 119 2.19 19.85 -4.26
N GLU C 120 2.08 21.18 -4.22
CA GLU C 120 1.22 21.90 -5.15
C GLU C 120 1.82 21.97 -6.54
N ASN C 121 3.07 21.53 -6.67
CA ASN C 121 3.74 21.51 -7.97
C ASN C 121 4.18 20.11 -8.36
N ASN C 122 3.49 19.11 -7.82
CA ASN C 122 3.73 17.70 -8.15
C ASN C 122 5.16 17.28 -7.87
N ILE C 123 5.72 17.77 -6.76
CA ILE C 123 7.08 17.41 -6.36
C ILE C 123 7.06 16.63 -5.05
N ARG C 124 7.59 15.41 -5.08
CA ARG C 124 7.67 14.59 -3.88
C ARG C 124 8.78 15.07 -2.96
N ALA C 125 8.51 15.09 -1.66
CA ALA C 125 9.47 15.62 -0.70
C ALA C 125 9.95 14.55 0.28
N ALA C 126 11.25 14.58 0.58
CA ALA C 126 11.83 13.69 1.58
C ALA C 126 12.43 14.51 2.71
N LEU C 127 12.61 13.90 3.87
CA LEU C 127 13.10 14.61 5.04
C LEU C 127 14.09 13.79 5.84
N GLU C 128 15.17 14.44 6.28
CA GLU C 128 16.15 13.82 7.16
C GLU C 128 16.14 14.52 8.52
N THR C 129 15.81 13.78 9.57
CA THR C 129 15.77 14.35 10.92
C THR C 129 16.12 13.30 11.96
N GLN C 130 16.64 13.75 13.10
CA GLN C 130 17.07 12.83 14.15
C GLN C 130 15.92 12.43 15.07
N GLY C 131 14.79 13.10 14.92
CA GLY C 131 13.59 12.75 15.67
C GLY C 131 13.53 13.33 17.07
N THR C 132 13.68 14.64 17.17
CA THR C 132 13.58 15.33 18.46
C THR C 132 12.38 16.27 18.50
N VAL C 133 12.28 17.11 17.48
CA VAL C 133 11.18 18.07 17.38
C VAL C 133 10.17 17.63 16.33
N TYR C 134 8.89 17.72 16.66
CA TYR C 134 7.84 17.39 15.71
C TYR C 134 7.25 18.63 15.06
N GLN C 135 6.92 18.53 13.78
CA GLN C 135 6.21 19.59 13.07
C GLN C 135 5.01 19.01 12.35
N ASP C 136 3.96 19.80 12.20
CA ASP C 136 2.73 19.33 11.58
C ASP C 136 2.89 19.06 10.09
N TRP C 137 3.91 19.64 9.47
CA TRP C 137 4.14 19.42 8.04
C TRP C 137 4.88 18.12 7.78
N PHE C 138 5.10 17.33 8.83
CA PHE C 138 5.66 15.99 8.67
C PHE C 138 4.70 15.11 7.88
N THR C 139 3.42 15.38 8.01
CA THR C 139 2.38 14.59 7.36
C THR C 139 2.33 14.82 5.85
N LEU C 140 3.08 15.81 5.38
CA LEU C 140 3.13 16.12 3.96
C LEU C 140 4.37 15.51 3.31
N ILE C 141 5.26 14.97 4.13
CA ILE C 141 6.50 14.36 3.64
C ILE C 141 6.23 12.97 3.08
N ASP C 142 6.70 12.72 1.85
CA ASP C 142 6.51 11.44 1.20
C ASP C 142 7.49 10.40 1.70
N ASP C 143 8.70 10.84 2.06
CA ASP C 143 9.75 9.95 2.52
C ASP C 143 10.44 10.50 3.75
N LEU C 144 9.89 10.17 4.93
CA LEU C 144 10.41 10.71 6.18
C LEU C 144 11.37 9.74 6.85
N THR C 145 12.64 10.13 6.90
CA THR C 145 13.66 9.32 7.55
C THR C 145 14.00 9.86 8.93
N ILE C 146 13.73 9.06 9.95
CA ILE C 146 14.08 9.44 11.32
C ILE C 146 15.35 8.70 11.75
N SER C 147 16.35 9.46 12.21
CA SER C 147 17.64 8.86 12.54
C SER C 147 18.07 9.13 13.97
N PRO C 148 17.59 8.32 14.92
CA PRO C 148 18.01 8.41 16.32
C PRO C 148 19.53 8.18 16.45
N LYS C 149 20.17 8.97 17.29
CA LYS C 149 21.63 8.93 17.38
C LYS C 149 22.14 7.98 18.45
N PRO C 150 23.11 7.13 18.07
CA PRO C 150 23.75 6.12 18.93
C PRO C 150 24.75 6.75 19.91
N PRO C 151 25.14 6.01 20.96
CA PRO C 151 26.08 6.49 21.97
C PRO C 151 27.41 7.02 21.42
N SER C 152 27.81 6.55 20.24
CA SER C 152 29.07 6.99 19.64
C SER C 152 29.01 8.45 19.19
N SER C 153 27.79 8.97 19.06
CA SER C 153 27.59 10.36 18.67
C SER C 153 27.65 11.29 19.89
N LYS C 154 27.86 10.69 21.05
CA LYS C 154 27.90 11.41 22.33
C LYS C 154 26.58 12.10 22.64
N MET C 155 25.52 11.70 21.93
CA MET C 155 24.20 12.28 22.14
C MET C 155 23.33 11.36 23.00
N VAL C 156 22.42 11.95 23.76
CA VAL C 156 21.48 11.19 24.56
C VAL C 156 20.08 11.25 23.94
N THR C 157 19.51 10.09 23.69
CA THR C 157 18.23 10.01 22.99
C THR C 157 17.03 10.14 23.93
N ASN C 158 16.24 11.17 23.69
CA ASN C 158 14.97 11.36 24.42
C ASN C 158 13.89 10.51 23.77
N PHE C 159 13.60 9.35 24.35
CA PHE C 159 12.65 8.41 23.76
C PHE C 159 11.20 8.87 23.88
N GLN C 160 10.92 9.73 24.85
CA GLN C 160 9.58 10.26 25.03
C GLN C 160 9.20 11.15 23.84
N LYS C 161 10.17 11.93 23.37
CA LYS C 161 9.97 12.79 22.21
C LYS C 161 9.87 11.95 20.94
N LEU C 162 10.66 10.88 20.88
CA LEU C 162 10.66 9.98 19.74
C LEU C 162 9.35 9.20 19.65
N ASP C 163 8.79 8.86 20.80
CA ASP C 163 7.50 8.17 20.86
C ASP C 163 6.38 9.06 20.33
N HIS C 164 6.41 10.33 20.73
CA HIS C 164 5.37 11.28 20.32
C HIS C 164 5.36 11.49 18.81
N ILE C 165 6.54 11.59 18.22
CA ILE C 165 6.66 11.78 16.78
C ILE C 165 6.12 10.59 16.00
N LEU C 166 6.56 9.39 16.38
CA LEU C 166 6.16 8.18 15.69
C LEU C 166 4.68 7.85 15.92
N THR C 167 4.16 8.22 17.09
CA THR C 167 2.75 8.01 17.38
C THR C 167 1.89 8.92 16.51
N SER C 168 2.29 10.18 16.40
CA SER C 168 1.55 11.17 15.61
C SER C 168 1.52 10.78 14.13
N LEU C 169 2.62 10.25 13.63
CA LEU C 169 2.73 9.86 12.22
C LEU C 169 1.86 8.65 11.92
N GLN C 170 1.82 7.69 12.85
CA GLN C 170 1.02 6.49 12.68
C GLN C 170 -0.47 6.79 12.73
N GLU C 171 -0.83 7.83 13.46
CA GLU C 171 -2.23 8.22 13.60
C GLU C 171 -2.76 8.87 12.32
N ASN C 172 -1.87 9.40 11.50
CA ASN C 172 -2.28 9.99 10.24
C ASN C 172 -1.91 9.11 9.05
N ASP C 173 -1.84 7.80 9.29
CA ASP C 173 -1.55 6.80 8.28
C ASP C 173 -0.34 7.16 7.41
N ARG C 174 0.75 7.55 8.05
CA ARG C 174 1.97 7.90 7.33
C ARG C 174 3.02 6.81 7.49
N GLN C 175 2.58 5.65 7.98
CA GLN C 175 3.49 4.52 8.24
C GLN C 175 4.23 4.04 6.99
N HIS C 176 3.63 4.27 5.83
CA HIS C 176 4.25 3.90 4.56
C HIS C 176 5.31 4.91 4.14
N ALA C 177 5.35 6.05 4.83
CA ALA C 177 6.25 7.14 4.47
C ALA C 177 7.34 7.37 5.50
N VAL C 178 7.37 6.52 6.53
CA VAL C 178 8.32 6.70 7.62
C VAL C 178 9.26 5.52 7.79
N SER C 179 10.54 5.79 8.04
CA SER C 179 11.52 4.75 8.30
C SER C 179 12.47 5.17 9.41
N LEU C 180 13.10 4.18 10.03
CA LEU C 180 14.11 4.43 11.06
C LEU C 180 15.49 4.03 10.55
N LYS C 181 16.46 4.91 10.72
CA LYS C 181 17.81 4.67 10.23
C LYS C 181 18.85 5.00 11.30
N VAL C 182 19.59 3.99 11.74
CA VAL C 182 20.60 4.19 12.77
C VAL C 182 22.01 3.98 12.21
N VAL C 183 22.86 4.98 12.40
CA VAL C 183 24.25 4.91 11.95
C VAL C 183 25.07 4.09 12.93
N ILE C 184 25.86 3.15 12.42
CA ILE C 184 26.66 2.27 13.27
C ILE C 184 28.16 2.51 13.07
N PHE C 185 28.86 2.70 14.18
CA PHE C 185 30.30 2.84 14.18
C PHE C 185 30.96 1.68 14.91
N ASN C 186 30.27 1.14 15.91
CA ASN C 186 30.78 0.03 16.69
C ASN C 186 29.68 -0.88 17.21
N ASP C 187 30.04 -1.83 18.07
CA ASP C 187 29.10 -2.80 18.60
C ASP C 187 28.08 -2.15 19.54
N GLU C 188 28.51 -1.10 20.22
CA GLU C 188 27.65 -0.37 21.15
C GLU C 188 26.48 0.29 20.42
N ASP C 189 26.77 0.85 19.25
CA ASP C 189 25.75 1.46 18.42
C ASP C 189 24.76 0.40 17.92
N LEU C 190 25.29 -0.77 17.59
CA LEU C 190 24.49 -1.86 17.07
C LEU C 190 23.48 -2.36 18.11
N GLU C 191 23.90 -2.37 19.38
CA GLU C 191 23.02 -2.75 20.46
C GLU C 191 21.95 -1.69 20.67
N PHE C 192 22.33 -0.43 20.51
CA PHE C 192 21.39 0.67 20.58
C PHE C 192 20.36 0.57 19.46
N ALA C 193 20.84 0.20 18.27
CA ALA C 193 19.96 0.05 17.11
C ALA C 193 18.93 -1.04 17.34
N LYS C 194 19.33 -2.11 18.00
CA LYS C 194 18.42 -3.21 18.30
C LYS C 194 17.33 -2.75 19.27
N THR C 195 17.72 -1.94 20.24
CA THR C 195 16.77 -1.40 21.21
C THR C 195 15.70 -0.55 20.52
N VAL C 196 16.14 0.28 19.57
CA VAL C 196 15.23 1.12 18.82
C VAL C 196 14.28 0.29 17.95
N HIS C 197 14.85 -0.72 17.29
CA HIS C 197 14.08 -1.59 16.41
C HIS C 197 13.04 -2.40 17.16
N LYS C 198 13.41 -2.87 18.36
CA LYS C 198 12.49 -3.63 19.20
C LYS C 198 11.36 -2.74 19.71
N ARG C 199 11.66 -1.48 19.96
CA ARG C 199 10.69 -0.54 20.51
C ARG C 199 9.63 -0.18 19.48
N TYR C 200 10.02 -0.16 18.21
CA TYR C 200 9.09 0.17 17.12
C TYR C 200 9.13 -0.92 16.06
N PRO C 201 8.39 -2.01 16.29
CA PRO C 201 8.42 -3.22 15.45
C PRO C 201 7.87 -3.02 14.05
N GLY C 202 6.85 -2.19 13.89
CA GLY C 202 6.19 -2.02 12.61
C GLY C 202 6.92 -1.09 11.65
N ILE C 203 7.84 -0.29 12.17
CA ILE C 203 8.55 0.69 11.36
C ILE C 203 9.72 0.07 10.61
N PRO C 204 9.80 0.31 9.29
CA PRO C 204 10.93 -0.13 8.47
C PRO C 204 12.26 0.35 9.03
N PHE C 205 13.18 -0.56 9.27
CA PHE C 205 14.42 -0.23 9.96
C PHE C 205 15.64 -0.32 9.04
N TYR C 206 16.53 0.66 9.17
CA TYR C 206 17.72 0.75 8.33
C TYR C 206 18.99 0.88 9.15
N LEU C 207 20.06 0.24 8.70
CA LEU C 207 21.37 0.39 9.31
C LEU C 207 22.33 1.04 8.33
N GLN C 208 23.06 2.05 8.81
CA GLN C 208 23.96 2.79 7.94
C GLN C 208 25.39 2.75 8.44
N VAL C 209 26.33 2.54 7.52
CA VAL C 209 27.75 2.50 7.85
C VAL C 209 28.26 3.87 8.25
N GLY C 210 28.90 3.95 9.41
CA GLY C 210 29.46 5.20 9.89
C GLY C 210 30.75 5.59 9.18
N ASN C 211 30.90 6.87 8.89
CA ASN C 211 32.10 7.38 8.24
C ASN C 211 33.09 7.92 9.26
N ASP C 212 34.28 7.30 9.30
CA ASP C 212 35.33 7.70 10.23
C ASP C 212 35.89 9.09 9.93
N ASP C 213 36.44 9.25 8.73
CA ASP C 213 37.07 10.50 8.34
C ASP C 213 36.18 11.28 7.37
N VAL C 214 35.47 12.27 7.89
CA VAL C 214 34.60 13.10 7.07
C VAL C 214 35.34 14.30 6.51
N HIS C 215 36.66 14.35 6.73
CA HIS C 215 37.46 15.48 6.29
C HIS C 215 38.53 15.08 5.27
N THR C 216 38.84 13.79 5.19
CA THR C 216 39.89 13.31 4.30
C THR C 216 39.60 13.63 2.84
N THR C 217 40.67 13.83 2.08
CA THR C 217 40.54 14.19 0.67
C THR C 217 41.00 13.03 -0.21
N ASP C 218 41.56 12.00 0.41
CA ASP C 218 41.99 10.81 -0.31
C ASP C 218 40.83 9.85 -0.50
N ASP C 219 40.19 9.93 -1.67
CA ASP C 219 38.99 9.15 -1.96
C ASP C 219 39.25 7.65 -1.98
N GLN C 220 40.33 7.24 -2.64
CA GLN C 220 40.64 5.82 -2.81
C GLN C 220 40.80 5.09 -1.49
N SER C 221 41.47 5.74 -0.53
CA SER C 221 41.64 5.14 0.79
C SER C 221 40.32 5.14 1.55
N LEU C 222 39.54 6.20 1.37
CA LEU C 222 38.25 6.33 2.04
C LEU C 222 37.26 5.27 1.56
N ILE C 223 37.20 5.09 0.25
CA ILE C 223 36.30 4.10 -0.34
C ILE C 223 36.63 2.69 0.14
N ALA C 224 37.91 2.33 0.07
CA ALA C 224 38.36 1.02 0.50
C ALA C 224 38.12 0.80 1.99
N HIS C 225 38.22 1.88 2.77
CA HIS C 225 38.01 1.81 4.20
C HIS C 225 36.53 1.62 4.54
N LEU C 226 35.67 2.33 3.82
CA LEU C 226 34.23 2.27 4.09
C LEU C 226 33.62 0.95 3.61
N LEU C 227 34.14 0.42 2.51
CA LEU C 227 33.69 -0.88 2.01
C LEU C 227 34.07 -1.99 2.98
N GLY C 228 35.20 -1.83 3.64
CA GLY C 228 35.64 -2.78 4.64
C GLY C 228 34.76 -2.71 5.87
N LYS C 229 34.35 -1.50 6.24
CA LYS C 229 33.44 -1.31 7.35
C LYS C 229 32.06 -1.86 7.03
N TYR C 230 31.67 -1.73 5.76
CA TYR C 230 30.39 -2.23 5.29
C TYR C 230 30.31 -3.75 5.43
N GLU C 231 31.34 -4.44 4.94
CA GLU C 231 31.39 -5.89 4.98
C GLU C 231 31.39 -6.39 6.42
N ALA C 232 32.13 -5.71 7.30
CA ALA C 232 32.19 -6.07 8.71
C ALA C 232 30.82 -5.93 9.36
N LEU C 233 30.07 -4.92 8.94
CA LEU C 233 28.73 -4.70 9.45
C LEU C 233 27.76 -5.77 8.96
N VAL C 234 27.87 -6.09 7.67
CA VAL C 234 27.04 -7.11 7.07
C VAL C 234 27.25 -8.47 7.72
N ASP C 235 28.53 -8.83 7.92
CA ASP C 235 28.88 -10.09 8.56
C ASP C 235 28.32 -10.20 9.97
N LYS C 236 28.23 -9.05 10.65
CA LYS C 236 27.75 -9.02 12.03
C LYS C 236 26.24 -9.15 12.10
N VAL C 237 25.54 -8.44 11.21
CA VAL C 237 24.08 -8.45 11.19
C VAL C 237 23.56 -9.80 10.69
N ALA C 238 24.35 -10.44 9.82
CA ALA C 238 23.95 -11.70 9.20
C ALA C 238 23.63 -12.79 10.22
N VAL C 239 24.31 -12.77 11.36
CA VAL C 239 24.13 -13.81 12.37
C VAL C 239 23.24 -13.36 13.54
N ASP C 240 22.77 -12.11 13.48
CA ASP C 240 21.91 -11.59 14.53
C ASP C 240 20.44 -11.84 14.21
N ALA C 241 19.79 -12.65 15.04
CA ALA C 241 18.41 -13.05 14.81
C ALA C 241 17.42 -11.94 15.17
N GLU C 242 17.89 -10.92 15.85
CA GLU C 242 17.03 -9.80 16.25
C GLU C 242 17.02 -8.70 15.21
N LEU C 243 17.84 -8.87 14.16
CA LEU C 243 17.92 -7.88 13.09
C LEU C 243 17.60 -8.49 11.74
N ASN C 244 16.50 -9.25 11.67
CA ASN C 244 16.10 -9.91 10.44
C ASN C 244 15.42 -8.97 9.46
N LEU C 245 14.46 -8.20 9.96
CA LEU C 245 13.75 -7.22 9.14
C LEU C 245 14.51 -5.90 9.09
N VAL C 246 15.71 -5.94 8.51
CA VAL C 246 16.60 -4.79 8.54
C VAL C 246 17.37 -4.63 7.21
N ARG C 247 17.43 -3.42 6.70
CA ARG C 247 18.25 -3.10 5.54
C ARG C 247 19.61 -2.59 6.00
N VAL C 248 20.67 -3.08 5.37
CA VAL C 248 22.02 -2.63 5.68
C VAL C 248 22.62 -1.91 4.48
N LEU C 249 22.79 -0.60 4.60
CA LEU C 249 23.23 0.23 3.48
C LEU C 249 24.40 1.14 3.85
N PRO C 250 25.22 1.49 2.85
CA PRO C 250 26.30 2.47 3.03
C PRO C 250 25.87 3.87 2.59
N GLN C 251 26.83 4.77 2.46
CA GLN C 251 26.58 6.08 1.88
C GLN C 251 27.10 6.11 0.45
N LEU C 252 26.20 5.94 -0.52
CA LEU C 252 26.58 5.83 -1.91
C LEU C 252 27.29 7.08 -2.45
N HIS C 253 26.84 8.24 -2.03
CA HIS C 253 27.43 9.50 -2.50
C HIS C 253 28.86 9.65 -2.00
N THR C 254 29.15 9.05 -0.85
CA THR C 254 30.50 9.06 -0.32
C THR C 254 31.41 8.12 -1.10
N LEU C 255 30.82 7.04 -1.61
CA LEU C 255 31.56 6.08 -2.42
C LEU C 255 31.83 6.65 -3.81
N LEU C 256 31.05 7.65 -4.20
CA LEU C 256 31.17 8.24 -5.53
C LEU C 256 31.99 9.51 -5.54
N TRP C 257 31.82 10.36 -4.53
CA TRP C 257 32.46 11.67 -4.53
C TRP C 257 33.21 11.98 -3.24
N GLY C 258 33.25 11.03 -2.32
CA GLY C 258 33.95 11.21 -1.06
C GLY C 258 33.23 12.17 -0.13
N ASN C 259 33.98 13.10 0.46
CA ASN C 259 33.43 14.07 1.39
C ASN C 259 33.11 15.41 0.72
N LYS C 260 32.97 15.38 -0.60
CA LYS C 260 32.69 16.58 -1.38
C LYS C 260 31.29 17.13 -1.11
N ARG C 261 31.18 18.45 -0.99
CA ARG C 261 29.89 19.10 -0.79
C ARG C 261 29.21 19.37 -2.13
N GLY C 262 27.90 19.62 -2.08
CA GLY C 262 27.15 20.01 -3.27
C GLY C 262 26.87 18.87 -4.22
N VAL C 263 27.06 17.64 -3.77
CA VAL C 263 26.77 16.47 -4.59
C VAL C 263 25.99 15.41 -3.80
N LYS D 23 -8.96 33.34 -3.51
CA LYS D 23 -8.43 32.39 -2.52
C LYS D 23 -9.55 31.81 -1.68
N GLY D 24 -10.73 32.43 -1.76
CA GLY D 24 -11.89 31.98 -1.00
C GLY D 24 -12.50 30.72 -1.59
N ILE D 25 -13.03 29.86 -0.73
CA ILE D 25 -13.63 28.61 -1.18
C ILE D 25 -15.16 28.67 -1.12
N PRO D 26 -15.82 28.47 -2.27
CA PRO D 26 -17.28 28.49 -2.35
C PRO D 26 -17.93 27.28 -1.69
N VAL D 27 -18.51 27.47 -0.50
CA VAL D 27 -19.09 26.39 0.26
C VAL D 27 -20.61 26.49 0.32
N LEU D 28 -21.30 25.36 0.13
CA LEU D 28 -22.75 25.31 0.22
C LEU D 28 -23.22 24.45 1.39
N GLU D 29 -22.45 23.42 1.72
CA GLU D 29 -22.82 22.53 2.82
C GLU D 29 -21.65 22.17 3.73
N ILE D 30 -21.90 22.21 5.03
CA ILE D 30 -20.97 21.69 6.03
C ILE D 30 -21.77 20.95 7.10
N PHE D 31 -21.73 19.62 7.06
CA PHE D 31 -22.49 18.84 8.03
C PHE D 31 -21.75 17.58 8.47
N GLY D 32 -22.26 16.96 9.54
CA GLY D 32 -21.65 15.78 10.11
C GLY D 32 -21.62 15.86 11.63
N PRO D 33 -21.10 14.82 12.29
CA PRO D 33 -20.57 13.60 11.68
C PRO D 33 -21.65 12.64 11.20
N THR D 34 -21.45 12.08 10.01
CA THR D 34 -22.35 11.08 9.46
C THR D 34 -21.52 9.92 8.91
N ILE D 35 -22.13 9.08 8.08
CA ILE D 35 -21.38 8.00 7.46
C ILE D 35 -21.27 8.20 5.95
N GLN D 36 -20.15 7.79 5.39
CA GLN D 36 -19.99 7.76 3.94
C GLN D 36 -20.88 6.69 3.37
N GLY D 37 -21.86 7.10 2.56
CA GLY D 37 -22.86 6.18 2.05
C GLY D 37 -22.51 5.52 0.73
N GLU D 38 -21.36 5.88 0.17
CA GLU D 38 -20.99 5.42 -1.17
C GLU D 38 -19.51 5.05 -1.31
N GLY D 39 -19.23 4.15 -2.24
CA GLY D 39 -17.87 3.95 -2.74
C GLY D 39 -16.87 3.20 -1.88
N MET D 40 -15.61 3.59 -2.05
CA MET D 40 -14.47 2.86 -1.49
C MET D 40 -14.43 2.85 0.04
N VAL D 41 -14.86 3.94 0.66
CA VAL D 41 -14.86 4.02 2.11
C VAL D 41 -16.29 4.13 2.66
N ILE D 42 -17.18 3.33 2.09
CA ILE D 42 -18.58 3.32 2.49
C ILE D 42 -18.73 2.90 3.96
N GLY D 43 -19.55 3.64 4.70
CA GLY D 43 -19.77 3.35 6.10
C GLY D 43 -18.84 4.11 7.05
N GLN D 44 -17.80 4.71 6.49
CA GLN D 44 -16.84 5.46 7.28
C GLN D 44 -17.46 6.71 7.90
N LYS D 45 -17.25 6.91 9.20
CA LYS D 45 -17.72 8.13 9.85
C LYS D 45 -16.92 9.32 9.35
N THR D 46 -17.60 10.32 8.83
CA THR D 46 -16.92 11.45 8.19
C THR D 46 -17.74 12.74 8.27
N MET D 47 -17.04 13.86 8.08
CA MET D 47 -17.69 15.14 7.92
C MET D 47 -17.84 15.43 6.42
N PHE D 48 -18.72 16.36 6.07
CA PHE D 48 -18.93 16.68 4.66
C PHE D 48 -18.78 18.18 4.39
N VAL D 49 -18.05 18.49 3.33
CA VAL D 49 -17.94 19.86 2.83
C VAL D 49 -18.29 19.86 1.35
N ARG D 50 -19.50 20.33 1.03
CA ARG D 50 -19.96 20.36 -0.35
C ARG D 50 -19.75 21.74 -0.97
N THR D 51 -18.95 21.79 -2.03
CA THR D 51 -18.63 23.05 -2.68
C THR D 51 -19.60 23.36 -3.81
N ALA D 52 -19.49 24.55 -4.38
CA ALA D 52 -20.38 24.99 -5.44
C ALA D 52 -19.69 25.00 -6.80
N GLY D 53 -20.46 24.77 -7.86
CA GLY D 53 -19.94 24.81 -9.21
C GLY D 53 -19.71 23.45 -9.83
N CYS D 54 -20.20 23.27 -11.05
CA CYS D 54 -19.96 22.03 -11.80
C CYS D 54 -19.75 22.30 -13.28
N ASP D 55 -18.81 21.59 -13.88
CA ASP D 55 -18.59 21.67 -15.32
C ASP D 55 -19.49 20.69 -16.04
N TYR D 56 -20.14 19.82 -15.27
CA TYR D 56 -21.13 18.89 -15.81
C TYR D 56 -22.54 19.36 -15.48
N SER D 57 -23.52 18.77 -16.16
CA SER D 57 -24.93 19.04 -15.89
C SER D 57 -25.73 17.75 -16.05
N CYS D 58 -25.32 16.73 -15.31
CA CYS D 58 -25.92 15.41 -15.40
C CYS D 58 -27.42 15.44 -15.12
N SER D 59 -28.18 14.71 -15.92
CA SER D 59 -29.64 14.76 -15.86
C SER D 59 -30.21 14.23 -14.55
N TRP D 60 -29.46 13.38 -13.86
CA TRP D 60 -29.93 12.81 -12.61
C TRP D 60 -29.08 13.24 -11.40
N CYS D 61 -28.45 14.41 -11.52
CA CYS D 61 -27.66 14.97 -10.42
C CYS D 61 -28.51 15.10 -9.15
N ASP D 62 -28.16 14.34 -8.12
CA ASP D 62 -28.91 14.35 -6.87
C ASP D 62 -28.56 15.55 -6.01
N SER D 63 -27.63 16.38 -6.49
CA SER D 63 -27.27 17.62 -5.81
C SER D 63 -27.19 18.76 -6.83
N ALA D 64 -28.27 18.94 -7.57
CA ALA D 64 -28.31 19.90 -8.67
C ALA D 64 -28.14 21.34 -8.19
N PHE D 65 -28.55 21.60 -6.95
CA PHE D 65 -28.50 22.94 -6.38
C PHE D 65 -27.08 23.50 -6.31
N THR D 66 -26.09 22.64 -6.48
CA THR D 66 -24.69 23.05 -6.42
C THR D 66 -24.25 23.76 -7.69
N TRP D 67 -25.06 23.67 -8.75
CA TRP D 67 -24.66 24.22 -10.04
C TRP D 67 -25.80 24.80 -10.87
N ASP D 68 -27.04 24.44 -10.55
CA ASP D 68 -28.17 24.88 -11.36
C ASP D 68 -28.53 26.35 -11.12
N GLY D 69 -27.84 26.97 -10.17
CA GLY D 69 -28.02 28.38 -9.89
C GLY D 69 -29.13 28.69 -8.89
N SER D 70 -29.77 27.64 -8.38
CA SER D 70 -30.87 27.81 -7.45
C SER D 70 -30.39 28.18 -6.05
N ALA D 71 -29.10 27.99 -5.80
CA ALA D 71 -28.53 28.27 -4.49
C ALA D 71 -27.27 29.11 -4.58
N LYS D 72 -27.18 29.91 -5.63
CA LYS D 72 -26.01 30.76 -5.86
C LYS D 72 -25.88 31.83 -4.78
N LYS D 73 -27.03 32.27 -4.26
CA LYS D 73 -27.06 33.29 -3.21
C LYS D 73 -26.67 32.71 -1.86
N ASP D 74 -26.73 31.38 -1.74
CA ASP D 74 -26.44 30.70 -0.49
C ASP D 74 -24.95 30.35 -0.37
N ILE D 75 -24.18 30.66 -1.41
CA ILE D 75 -22.76 30.36 -1.44
C ILE D 75 -21.99 31.19 -0.43
N ARG D 76 -21.25 30.51 0.45
CA ARG D 76 -20.43 31.19 1.43
C ARG D 76 -18.95 31.02 1.08
N TRP D 77 -18.30 32.11 0.71
CA TRP D 77 -16.88 32.08 0.38
C TRP D 77 -16.04 32.10 1.65
N MET D 78 -15.49 30.93 1.99
CA MET D 78 -14.78 30.76 3.25
C MET D 78 -13.30 30.43 3.03
N THR D 79 -12.47 30.77 4.01
CA THR D 79 -11.06 30.39 3.98
C THR D 79 -10.91 28.98 4.52
N ALA D 80 -9.70 28.42 4.37
CA ALA D 80 -9.42 27.08 4.85
C ALA D 80 -9.59 26.99 6.37
N GLU D 81 -9.19 28.04 7.06
CA GLU D 81 -9.27 28.07 8.52
C GLU D 81 -10.71 28.17 9.01
N GLU D 82 -11.54 28.90 8.27
CA GLU D 82 -12.94 29.07 8.62
C GLU D 82 -13.72 27.77 8.46
N ILE D 83 -13.45 27.04 7.39
CA ILE D 83 -14.10 25.75 7.16
C ILE D 83 -13.71 24.76 8.24
N PHE D 84 -12.43 24.73 8.57
CA PHE D 84 -11.91 23.83 9.60
C PHE D 84 -12.47 24.17 10.97
N ALA D 85 -12.60 25.46 11.26
CA ALA D 85 -13.13 25.89 12.55
C ALA D 85 -14.60 25.50 12.69
N GLU D 86 -15.34 25.58 11.60
CA GLU D 86 -16.75 25.22 11.59
C GLU D 86 -16.93 23.71 11.71
N LEU D 87 -16.01 22.97 11.10
CA LEU D 87 -16.00 21.51 11.21
C LEU D 87 -15.75 21.08 12.66
N LYS D 88 -14.76 21.71 13.29
CA LYS D 88 -14.43 21.42 14.68
C LYS D 88 -15.56 21.86 15.61
N ASP D 89 -16.35 22.83 15.16
CA ASP D 89 -17.45 23.35 15.94
C ASP D 89 -18.61 22.36 16.03
N ILE D 90 -19.12 21.94 14.88
CA ILE D 90 -20.29 21.07 14.83
C ILE D 90 -19.92 19.61 14.96
N GLY D 91 -18.63 19.31 14.84
CA GLY D 91 -18.16 17.93 14.89
C GLY D 91 -17.39 17.60 16.15
N GLY D 92 -16.80 18.63 16.77
CA GLY D 92 -16.00 18.43 17.97
C GLY D 92 -14.77 17.60 17.68
N ASP D 93 -14.45 16.68 18.59
CA ASP D 93 -13.36 15.75 18.37
C ASP D 93 -13.89 14.39 17.95
N ALA D 94 -15.12 14.38 17.46
CA ALA D 94 -15.78 13.14 17.08
C ALA D 94 -15.67 12.85 15.59
N PHE D 95 -14.53 13.23 15.00
CA PHE D 95 -14.26 12.92 13.60
C PHE D 95 -12.77 12.97 13.28
N SER D 96 -12.35 12.12 12.35
CA SER D 96 -10.97 12.12 11.88
C SER D 96 -10.96 11.98 10.36
N HIS D 97 -12.12 12.17 9.76
CA HIS D 97 -12.29 12.01 8.33
C HIS D 97 -13.19 13.10 7.76
N VAL D 98 -12.78 13.68 6.63
CA VAL D 98 -13.57 14.71 5.98
C VAL D 98 -13.71 14.42 4.49
N THR D 99 -14.95 14.41 4.00
CA THR D 99 -15.21 14.18 2.58
C THR D 99 -15.56 15.48 1.88
N ILE D 100 -14.79 15.82 0.85
CA ILE D 100 -15.05 17.02 0.06
C ILE D 100 -15.79 16.65 -1.22
N SER D 101 -17.00 17.18 -1.37
CA SER D 101 -17.81 16.90 -2.55
C SER D 101 -18.39 18.18 -3.13
N GLY D 102 -19.33 18.03 -4.07
CA GLY D 102 -19.95 19.17 -4.71
C GLY D 102 -21.22 18.77 -5.46
N GLY D 103 -21.36 19.21 -6.71
CA GLY D 103 -20.37 20.05 -7.36
C GLY D 103 -19.14 19.29 -7.84
N ASN D 104 -18.23 19.99 -8.49
CA ASN D 104 -16.95 19.41 -8.85
C ASN D 104 -15.82 20.16 -8.16
N PRO D 105 -15.38 19.66 -7.00
CA PRO D 105 -14.32 20.28 -6.18
C PRO D 105 -13.00 20.43 -6.94
N ALA D 106 -12.83 19.67 -8.01
CA ALA D 106 -11.61 19.71 -8.80
C ALA D 106 -11.49 21.01 -9.59
N LEU D 107 -12.57 21.79 -9.62
CA LEU D 107 -12.55 23.09 -10.28
C LEU D 107 -11.83 24.12 -9.43
N LEU D 108 -11.67 23.82 -8.15
CA LEU D 108 -11.09 24.77 -7.21
C LEU D 108 -9.63 24.44 -6.89
N LYS D 109 -8.72 25.29 -7.36
CA LYS D 109 -7.31 25.11 -7.04
C LYS D 109 -7.03 25.57 -5.62
N GLN D 110 -7.80 26.53 -5.14
CA GLN D 110 -7.59 27.11 -3.82
C GLN D 110 -8.01 26.15 -2.70
N LEU D 111 -8.48 24.97 -3.08
CA LEU D 111 -8.80 23.93 -2.10
C LEU D 111 -7.54 23.33 -1.50
N ASP D 112 -6.40 23.58 -2.14
CA ASP D 112 -5.12 23.04 -1.68
C ASP D 112 -4.82 23.43 -0.23
N ALA D 113 -5.09 24.68 0.12
CA ALA D 113 -4.83 25.19 1.46
C ALA D 113 -5.65 24.45 2.50
N PHE D 114 -6.86 24.03 2.11
CA PHE D 114 -7.75 23.32 3.03
C PHE D 114 -7.34 21.86 3.18
N ILE D 115 -6.96 21.23 2.08
CA ILE D 115 -6.52 19.84 2.12
C ILE D 115 -5.23 19.71 2.93
N GLU D 116 -4.33 20.66 2.76
CA GLU D 116 -3.08 20.68 3.53
C GLU D 116 -3.36 20.85 5.01
N LEU D 117 -4.30 21.74 5.33
CA LEU D 117 -4.66 22.02 6.71
C LEU D 117 -5.24 20.80 7.39
N LEU D 118 -5.98 19.99 6.63
CA LEU D 118 -6.53 18.74 7.15
C LEU D 118 -5.43 17.75 7.51
N LYS D 119 -4.47 17.60 6.60
CA LYS D 119 -3.35 16.67 6.81
C LYS D 119 -2.46 17.13 7.96
N GLU D 120 -2.35 18.45 8.12
CA GLU D 120 -1.55 19.02 9.20
C GLU D 120 -2.25 18.88 10.56
N ASN D 121 -3.50 18.45 10.54
CA ASN D 121 -4.24 18.25 11.77
C ASN D 121 -4.71 16.81 11.93
N ASN D 122 -3.97 15.90 11.30
CA ASN D 122 -4.24 14.46 11.38
C ASN D 122 -5.66 14.09 10.96
N ILE D 123 -6.15 14.76 9.92
CA ILE D 123 -7.48 14.47 9.38
C ILE D 123 -7.38 13.89 7.98
N ARG D 124 -7.91 12.69 7.80
CA ARG D 124 -7.92 12.04 6.50
C ARG D 124 -8.98 12.66 5.59
N ALA D 125 -8.62 12.87 4.33
CA ALA D 125 -9.52 13.53 3.39
C ALA D 125 -9.94 12.62 2.24
N ALA D 126 -11.21 12.71 1.87
CA ALA D 126 -11.74 12.00 0.71
C ALA D 126 -12.27 12.98 -0.32
N LEU D 127 -12.37 12.53 -1.56
CA LEU D 127 -12.79 13.41 -2.65
C LEU D 127 -13.73 12.73 -3.62
N GLU D 128 -14.78 13.45 -4.02
CA GLU D 128 -15.70 12.97 -5.05
C GLU D 128 -15.60 13.86 -6.28
N THR D 129 -15.20 13.28 -7.41
CA THR D 129 -15.08 14.04 -8.65
C THR D 129 -15.38 13.15 -9.87
N GLN D 130 -15.83 13.77 -10.96
CA GLN D 130 -16.18 13.02 -12.15
C GLN D 130 -14.98 12.75 -13.05
N GLY D 131 -13.85 13.37 -12.73
CA GLY D 131 -12.62 13.12 -13.44
C GLY D 131 -12.47 13.90 -14.74
N THR D 132 -12.61 15.21 -14.66
CA THR D 132 -12.43 16.08 -15.82
C THR D 132 -11.22 17.00 -15.65
N VAL D 133 -11.19 17.69 -14.52
CA VAL D 133 -10.10 18.61 -14.21
C VAL D 133 -9.16 18.01 -13.17
N TYR D 134 -7.85 18.14 -13.41
CA TYR D 134 -6.86 17.66 -12.47
C TYR D 134 -6.30 18.78 -11.60
N GLN D 135 -6.06 18.49 -10.33
CA GLN D 135 -5.41 19.43 -9.44
C GLN D 135 -4.25 18.73 -8.72
N ASP D 136 -3.22 19.49 -8.39
CA ASP D 136 -2.02 18.92 -7.78
C ASP D 136 -2.26 18.44 -6.35
N TRP D 137 -3.33 18.94 -5.72
CA TRP D 137 -3.64 18.52 -4.36
C TRP D 137 -4.40 17.19 -4.34
N PHE D 138 -4.56 16.57 -5.51
CA PHE D 138 -5.13 15.22 -5.59
C PHE D 138 -4.23 14.23 -4.87
N THR D 139 -2.94 14.51 -4.87
CA THR D 139 -1.94 13.61 -4.29
C THR D 139 -1.99 13.62 -2.76
N LEU D 140 -2.76 14.54 -2.20
CA LEU D 140 -2.90 14.64 -0.75
C LEU D 140 -4.18 13.97 -0.27
N ILE D 141 -5.02 13.55 -1.21
CA ILE D 141 -6.28 12.89 -0.89
C ILE D 141 -6.06 11.43 -0.53
N ASP D 142 -6.60 11.02 0.61
CA ASP D 142 -6.45 9.65 1.08
C ASP D 142 -7.41 8.70 0.38
N ASP D 143 -8.59 9.22 0.02
CA ASP D 143 -9.61 8.40 -0.62
C ASP D 143 -10.22 9.13 -1.81
N LEU D 144 -9.60 8.97 -2.98
CA LEU D 144 -10.03 9.70 -4.18
C LEU D 144 -10.95 8.84 -5.03
N THR D 145 -12.22 9.24 -5.10
CA THR D 145 -13.20 8.55 -5.93
C THR D 145 -13.45 9.29 -7.23
N ILE D 146 -13.12 8.65 -8.35
CA ILE D 146 -13.39 9.22 -9.67
C ILE D 146 -14.62 8.57 -10.27
N SER D 147 -15.59 9.39 -10.67
CA SER D 147 -16.86 8.87 -11.17
C SER D 147 -17.20 9.36 -12.57
N PRO D 148 -16.66 8.68 -13.60
CA PRO D 148 -17.01 8.97 -14.99
C PRO D 148 -18.50 8.78 -15.24
N LYS D 149 -19.10 9.69 -16.00
CA LYS D 149 -20.54 9.68 -16.19
C LYS D 149 -20.99 8.89 -17.40
N PRO D 150 -21.98 8.01 -17.22
CA PRO D 150 -22.56 7.15 -18.25
C PRO D 150 -23.50 7.93 -19.18
N PRO D 151 -23.82 7.35 -20.35
CA PRO D 151 -24.70 7.98 -21.34
C PRO D 151 -26.06 8.43 -20.80
N SER D 152 -26.53 7.81 -19.73
CA SER D 152 -27.83 8.17 -19.16
C SER D 152 -27.79 9.55 -18.50
N SER D 153 -26.58 10.03 -18.22
CA SER D 153 -26.40 11.34 -17.62
C SER D 153 -26.39 12.44 -18.68
N LYS D 154 -26.53 12.03 -19.94
CA LYS D 154 -26.49 12.91 -21.10
C LYS D 154 -25.15 13.63 -21.22
N MET D 155 -24.14 13.13 -20.52
CA MET D 155 -22.81 13.71 -20.56
C MET D 155 -21.88 12.91 -21.48
N VAL D 156 -20.92 13.60 -22.08
CA VAL D 156 -19.94 12.96 -22.94
C VAL D 156 -18.59 12.91 -22.23
N THR D 157 -18.03 11.72 -22.12
CA THR D 157 -16.79 11.52 -21.36
C THR D 157 -15.55 11.78 -22.19
N ASN D 158 -14.76 12.75 -21.76
CA ASN D 158 -13.46 13.03 -22.37
C ASN D 158 -12.41 12.08 -21.78
N PHE D 159 -12.10 11.02 -22.51
CA PHE D 159 -11.19 10.00 -22.00
C PHE D 159 -9.74 10.45 -21.97
N GLN D 160 -9.38 11.44 -22.79
CA GLN D 160 -8.02 11.96 -22.79
C GLN D 160 -7.73 12.68 -21.47
N LYS D 161 -8.73 13.39 -20.96
CA LYS D 161 -8.60 14.07 -19.68
C LYS D 161 -8.57 13.05 -18.54
N LEU D 162 -9.37 11.99 -18.69
CA LEU D 162 -9.44 10.94 -17.69
C LEU D 162 -8.14 10.14 -17.63
N ASP D 163 -7.52 9.97 -18.78
CA ASP D 163 -6.23 9.28 -18.86
C ASP D 163 -5.14 10.07 -18.14
N HIS D 164 -5.14 11.37 -18.35
CA HIS D 164 -4.13 12.25 -17.75
C HIS D 164 -4.20 12.24 -16.23
N ILE D 165 -5.43 12.26 -15.70
CA ILE D 165 -5.63 12.25 -14.26
C ILE D 165 -5.14 10.95 -13.64
N LEU D 166 -5.56 9.82 -14.21
CA LEU D 166 -5.20 8.52 -13.68
C LEU D 166 -3.71 8.22 -13.86
N THR D 167 -3.12 8.74 -14.92
CA THR D 167 -1.69 8.56 -15.16
C THR D 167 -0.90 9.32 -14.11
N SER D 168 -1.29 10.56 -13.85
CA SER D 168 -0.61 11.41 -12.88
C SER D 168 -0.66 10.82 -11.47
N LEU D 169 -1.80 10.23 -11.12
CA LEU D 169 -1.99 9.64 -9.80
C LEU D 169 -1.15 8.38 -9.62
N GLN D 170 -1.06 7.58 -10.68
CA GLN D 170 -0.27 6.35 -10.64
C GLN D 170 1.23 6.65 -10.54
N GLU D 171 1.63 7.78 -11.10
CA GLU D 171 3.04 8.17 -11.08
C GLU D 171 3.48 8.62 -9.69
N ASN D 172 2.53 9.03 -8.87
CA ASN D 172 2.83 9.45 -7.51
C ASN D 172 2.43 8.40 -6.47
N ASP D 173 2.42 7.14 -6.91
CA ASP D 173 2.01 5.98 -6.10
C ASP D 173 0.77 6.24 -5.25
N ARG D 174 -0.29 6.73 -5.89
CA ARG D 174 -1.55 6.98 -5.20
C ARG D 174 -2.59 5.94 -5.58
N GLN D 175 -2.13 4.86 -6.21
CA GLN D 175 -3.01 3.79 -6.69
C GLN D 175 -3.83 3.15 -5.57
N HIS D 176 -3.31 3.20 -4.35
CA HIS D 176 -4.00 2.66 -3.19
C HIS D 176 -5.09 3.61 -2.69
N ALA D 177 -5.07 4.84 -3.21
CA ALA D 177 -5.99 5.87 -2.75
C ALA D 177 -7.02 6.25 -3.81
N VAL D 178 -7.00 5.57 -4.95
CA VAL D 178 -7.87 5.92 -6.06
C VAL D 178 -8.80 4.77 -6.45
N SER D 179 -10.06 5.10 -6.73
CA SER D 179 -11.03 4.12 -7.20
C SER D 179 -11.89 4.70 -8.30
N LEU D 180 -12.50 3.82 -9.10
CA LEU D 180 -13.44 4.24 -10.13
C LEU D 180 -14.85 3.78 -9.78
N LYS D 181 -15.81 4.69 -9.87
CA LYS D 181 -17.18 4.39 -9.51
C LYS D 181 -18.15 4.88 -10.58
N VAL D 182 -18.86 3.95 -11.21
CA VAL D 182 -19.80 4.30 -12.25
C VAL D 182 -21.24 4.04 -11.83
N VAL D 183 -22.09 5.06 -11.93
CA VAL D 183 -23.49 4.95 -11.58
C VAL D 183 -24.26 4.28 -12.72
N ILE D 184 -25.08 3.29 -12.39
CA ILE D 184 -25.83 2.55 -13.39
C ILE D 184 -27.33 2.78 -13.26
N PHE D 185 -27.96 3.13 -14.38
CA PHE D 185 -29.42 3.28 -14.44
C PHE D 185 -30.02 2.24 -15.37
N ASN D 186 -29.27 1.85 -16.39
CA ASN D 186 -29.74 0.87 -17.36
C ASN D 186 -28.60 0.04 -17.94
N ASP D 187 -28.92 -0.77 -18.95
CA ASP D 187 -27.94 -1.67 -19.56
C ASP D 187 -26.87 -0.90 -20.32
N GLU D 188 -27.25 0.24 -20.87
CA GLU D 188 -26.33 1.08 -21.62
C GLU D 188 -25.21 1.61 -20.73
N ASP D 189 -25.57 2.01 -19.51
CA ASP D 189 -24.59 2.48 -18.54
C ASP D 189 -23.65 1.36 -18.14
N LEU D 190 -24.20 0.15 -18.03
CA LEU D 190 -23.44 -1.02 -17.62
C LEU D 190 -22.37 -1.37 -18.66
N GLU D 191 -22.71 -1.18 -19.93
CA GLU D 191 -21.76 -1.42 -21.02
C GLU D 191 -20.67 -0.35 -21.00
N PHE D 192 -21.06 0.87 -20.67
CA PHE D 192 -20.12 1.97 -20.53
C PHE D 192 -19.17 1.70 -19.37
N ALA D 193 -19.70 1.17 -18.28
CA ALA D 193 -18.91 0.84 -17.10
C ALA D 193 -17.86 -0.22 -17.43
N LYS D 194 -18.24 -1.19 -18.25
CA LYS D 194 -17.30 -2.24 -18.66
C LYS D 194 -16.15 -1.65 -19.48
N THR D 195 -16.48 -0.70 -20.34
CA THR D 195 -15.47 -0.04 -21.17
C THR D 195 -14.45 0.69 -20.30
N VAL D 196 -14.93 1.38 -19.26
CA VAL D 196 -14.07 2.10 -18.35
C VAL D 196 -13.19 1.13 -17.55
N HIS D 197 -13.79 0.05 -17.07
CA HIS D 197 -13.09 -0.94 -16.27
C HIS D 197 -12.00 -1.65 -17.09
N LYS D 198 -12.30 -1.93 -18.36
CA LYS D 198 -11.31 -2.58 -19.22
C LYS D 198 -10.16 -1.65 -19.56
N ARG D 199 -10.45 -0.36 -19.64
CA ARG D 199 -9.44 0.64 -19.98
C ARG D 199 -8.45 0.84 -18.84
N TYR D 200 -8.92 0.68 -17.60
CA TYR D 200 -8.07 0.84 -16.43
C TYR D 200 -8.16 -0.39 -15.53
N PRO D 201 -7.41 -1.45 -15.89
CA PRO D 201 -7.50 -2.76 -15.24
C PRO D 201 -7.04 -2.78 -13.78
N GLY D 202 -6.02 -1.99 -13.45
CA GLY D 202 -5.45 -2.01 -12.11
C GLY D 202 -6.23 -1.23 -11.07
N ILE D 203 -7.12 -0.35 -11.54
CA ILE D 203 -7.87 0.52 -10.64
C ILE D 203 -9.10 -0.19 -10.06
N PRO D 204 -9.25 -0.15 -8.72
CA PRO D 204 -10.43 -0.70 -8.04
C PRO D 204 -11.72 -0.11 -8.60
N PHE D 205 -12.64 -0.99 -9.03
CA PHE D 205 -13.82 -0.55 -9.74
C PHE D 205 -15.09 -0.74 -8.92
N TYR D 206 -15.98 0.26 -8.96
CA TYR D 206 -17.21 0.23 -8.19
C TYR D 206 -18.43 0.50 -9.07
N LEU D 207 -19.53 -0.20 -8.78
CA LEU D 207 -20.80 0.05 -9.45
C LEU D 207 -21.82 0.57 -8.44
N GLN D 208 -22.51 1.64 -8.81
CA GLN D 208 -23.46 2.27 -7.90
C GLN D 208 -24.87 2.32 -8.49
N VAL D 209 -25.86 1.98 -7.66
CA VAL D 209 -27.25 2.00 -8.08
C VAL D 209 -27.75 3.43 -8.30
N GLY D 210 -28.31 3.67 -9.48
CA GLY D 210 -28.83 4.99 -9.81
C GLY D 210 -30.16 5.28 -9.14
N ASN D 211 -30.32 6.51 -8.67
CA ASN D 211 -31.56 6.94 -8.03
C ASN D 211 -32.50 7.62 -9.02
N ASP D 212 -33.67 7.03 -9.22
CA ASP D 212 -34.67 7.57 -10.15
C ASP D 212 -35.23 8.91 -9.67
N ASP D 213 -35.86 8.90 -8.51
CA ASP D 213 -36.51 10.09 -7.98
C ASP D 213 -35.69 10.72 -6.85
N VAL D 214 -34.95 11.77 -7.18
CA VAL D 214 -34.12 12.46 -6.20
C VAL D 214 -34.90 13.57 -5.50
N HIS D 215 -36.20 13.66 -5.80
CA HIS D 215 -37.04 14.72 -5.26
C HIS D 215 -38.15 14.19 -4.36
N THR D 216 -38.46 12.91 -4.50
CA THR D 216 -39.57 12.31 -3.75
C THR D 216 -39.37 12.42 -2.24
N THR D 217 -40.49 12.52 -1.52
CA THR D 217 -40.46 12.67 -0.08
C THR D 217 -40.97 11.40 0.60
N ASP D 218 -41.48 10.47 -0.21
CA ASP D 218 -41.96 9.19 0.31
C ASP D 218 -40.81 8.21 0.43
N ASP D 219 -40.26 8.10 1.63
CA ASP D 219 -39.07 7.28 1.87
C ASP D 219 -39.33 5.80 1.67
N GLN D 220 -40.46 5.30 2.19
CA GLN D 220 -40.78 3.88 2.14
C GLN D 220 -40.86 3.35 0.71
N SER D 221 -41.47 4.13 -0.18
CA SER D 221 -41.56 3.74 -1.58
C SER D 221 -40.19 3.83 -2.25
N LEU D 222 -39.42 4.84 -1.86
CA LEU D 222 -38.09 5.06 -2.43
C LEU D 222 -37.14 3.94 -2.06
N ILE D 223 -37.15 3.57 -0.79
CA ILE D 223 -36.29 2.50 -0.29
C ILE D 223 -36.61 1.17 -0.98
N ALA D 224 -37.89 0.82 -1.06
CA ALA D 224 -38.31 -0.42 -1.69
C ALA D 224 -37.97 -0.41 -3.18
N HIS D 225 -38.02 0.76 -3.79
CA HIS D 225 -37.72 0.91 -5.21
C HIS D 225 -36.23 0.74 -5.47
N LEU D 226 -35.41 1.33 -4.62
CA LEU D 226 -33.96 1.29 -4.80
C LEU D 226 -33.39 -0.08 -4.48
N LEU D 227 -33.98 -0.77 -3.51
CA LEU D 227 -33.56 -2.12 -3.17
C LEU D 227 -33.88 -3.09 -4.31
N GLY D 228 -34.97 -2.81 -5.01
CA GLY D 228 -35.35 -3.60 -6.16
C GLY D 228 -34.38 -3.37 -7.31
N LYS D 229 -33.95 -2.12 -7.48
CA LYS D 229 -32.96 -1.77 -8.50
C LYS D 229 -31.61 -2.38 -8.17
N TYR D 230 -31.30 -2.44 -6.87
CA TYR D 230 -30.05 -3.02 -6.41
C TYR D 230 -29.97 -4.51 -6.76
N GLU D 231 -31.03 -5.25 -6.43
CA GLU D 231 -31.08 -6.68 -6.70
C GLU D 231 -30.99 -6.97 -8.19
N ALA D 232 -31.67 -6.15 -8.99
CA ALA D 232 -31.65 -6.30 -10.44
C ALA D 232 -30.24 -6.09 -10.99
N LEU D 233 -29.51 -5.15 -10.38
CA LEU D 233 -28.14 -4.88 -10.78
C LEU D 233 -27.22 -6.01 -10.38
N VAL D 234 -27.40 -6.52 -9.16
CA VAL D 234 -26.61 -7.63 -8.65
C VAL D 234 -26.79 -8.89 -9.52
N ASP D 235 -28.04 -9.18 -9.85
CA ASP D 235 -28.37 -10.34 -10.69
C ASP D 235 -27.71 -10.24 -12.06
N LYS D 236 -27.59 -9.02 -12.56
CA LYS D 236 -27.02 -8.79 -13.89
C LYS D 236 -25.50 -8.92 -13.89
N VAL D 237 -24.87 -8.36 -12.86
CA VAL D 237 -23.41 -8.39 -12.74
C VAL D 237 -22.92 -9.80 -12.40
N ALA D 238 -23.76 -10.55 -11.70
CA ALA D 238 -23.40 -11.89 -11.25
C ALA D 238 -23.02 -12.83 -12.40
N VAL D 239 -23.63 -12.64 -13.56
CA VAL D 239 -23.39 -13.52 -14.70
C VAL D 239 -22.43 -12.91 -15.72
N ASP D 240 -21.96 -11.70 -15.46
CA ASP D 240 -21.04 -11.03 -16.37
C ASP D 240 -19.59 -11.35 -16.00
N ALA D 241 -18.89 -12.03 -16.90
CA ALA D 241 -17.54 -12.47 -16.64
C ALA D 241 -16.51 -11.34 -16.77
N GLU D 242 -16.95 -10.22 -17.33
CA GLU D 242 -16.06 -9.07 -17.51
C GLU D 242 -16.12 -8.13 -16.32
N LEU D 243 -16.98 -8.44 -15.35
CA LEU D 243 -17.13 -7.61 -14.16
C LEU D 243 -16.89 -8.42 -12.89
N ASN D 244 -15.81 -9.20 -12.87
CA ASN D 244 -15.50 -10.04 -11.72
C ASN D 244 -14.87 -9.24 -10.58
N LEU D 245 -13.88 -8.42 -10.91
CA LEU D 245 -13.23 -7.58 -9.91
C LEU D 245 -13.98 -6.27 -9.72
N VAL D 246 -15.21 -6.38 -9.23
CA VAL D 246 -16.10 -5.23 -9.13
C VAL D 246 -16.94 -5.26 -7.85
N ARG D 247 -17.03 -4.12 -7.18
CA ARG D 247 -17.92 -3.96 -6.04
C ARG D 247 -19.27 -3.39 -6.50
N VAL D 248 -20.36 -3.96 -6.01
CA VAL D 248 -21.68 -3.46 -6.33
C VAL D 248 -22.36 -2.91 -5.08
N LEU D 249 -22.52 -1.59 -5.02
CA LEU D 249 -23.03 -0.93 -3.83
C LEU D 249 -24.16 0.05 -4.13
N PRO D 250 -25.05 0.25 -3.14
CA PRO D 250 -26.11 1.26 -3.24
C PRO D 250 -25.70 2.57 -2.57
N GLN D 251 -26.67 3.45 -2.37
CA GLN D 251 -26.46 4.67 -1.59
C GLN D 251 -27.07 4.50 -0.21
N LEU D 252 -26.22 4.19 0.77
CA LEU D 252 -26.69 3.87 2.12
C LEU D 252 -27.42 5.03 2.78
N HIS D 253 -26.95 6.25 2.56
CA HIS D 253 -27.55 7.42 3.17
C HIS D 253 -28.96 7.67 2.62
N THR D 254 -29.19 7.23 1.38
CA THR D 254 -30.50 7.35 0.77
C THR D 254 -31.46 6.30 1.34
N LEU D 255 -30.90 5.16 1.73
CA LEU D 255 -31.70 4.11 2.35
C LEU D 255 -32.05 4.45 3.79
N LEU D 256 -31.29 5.38 4.36
CA LEU D 256 -31.49 5.78 5.76
C LEU D 256 -32.31 7.05 5.91
N TRP D 257 -32.07 8.03 5.03
CA TRP D 257 -32.71 9.33 5.18
C TRP D 257 -33.37 9.84 3.91
N GLY D 258 -33.36 9.02 2.85
CA GLY D 258 -33.98 9.40 1.61
C GLY D 258 -33.21 10.47 0.86
N ASN D 259 -33.92 11.48 0.38
CA ASN D 259 -33.30 12.57 -0.38
C ASN D 259 -33.02 13.79 0.50
N LYS D 260 -32.96 13.57 1.81
CA LYS D 260 -32.73 14.65 2.77
C LYS D 260 -31.32 15.21 2.67
N ARG D 261 -31.20 16.53 2.76
CA ARG D 261 -29.90 17.19 2.74
C ARG D 261 -29.29 17.27 4.13
N GLY D 262 -27.99 17.51 4.20
CA GLY D 262 -27.32 17.70 5.47
C GLY D 262 -27.10 16.44 6.27
N VAL D 263 -27.25 15.29 5.63
CA VAL D 263 -27.02 14.01 6.29
C VAL D 263 -26.20 13.08 5.40
FE1 SF4 E . -20.70 -17.17 16.48
FE2 SF4 E . -19.82 -17.10 13.89
FE3 SF4 E . -22.19 -18.31 14.51
FE4 SF4 E . -19.82 -19.47 15.27
S1 SF4 E . -20.56 -19.11 13.13
S2 SF4 E . -21.70 -19.24 16.53
S3 SF4 E . -18.58 -17.61 15.74
S4 SF4 E . -21.69 -16.10 14.74
N1 7C5 F . -24.02 -12.26 0.48
N3 7C5 F . -24.16 -10.29 12.06
C4 7C5 F . -23.80 -14.54 3.14
C5 7C5 F . -21.02 -12.58 5.24
C6 7C5 F . -21.53 -13.77 5.71
C7 7C5 F . -19.97 -13.89 8.96
C8 7C5 F . -21.67 -12.18 11.50
C10 7C5 F . -19.49 -12.97 11.15
C13 7C5 F . -25.30 -9.68 12.40
C15 7C5 F . -23.30 -13.71 12.61
C17 7C5 F . -21.07 -14.30 6.91
C1 7C5 F . -23.65 -12.79 1.57
C2 7C5 F . -22.34 -12.70 3.42
C3 7C5 F . -22.86 -13.91 3.89
O1 7C5 F . -24.28 -15.59 3.50
C9 7C5 F . -20.51 -12.81 12.19
O2 7C5 F . -18.54 -12.02 11.30
O3 7C5 F . -20.04 -11.98 13.14
C11 7C5 F . -23.97 -11.61 12.34
C12 7C5 F . -24.99 -12.32 12.97
C14 7C5 F . -26.17 -11.65 13.30
N2 7C5 F . -22.92 -12.51 12.13
N4 7C5 F . -26.30 -10.34 13.00
N5 7C5 F . -27.24 -12.34 13.95
N6 7C5 F . -24.54 -13.60 13.12
N7 7C5 F . -24.20 -13.97 1.95
N8 7C5 F . -22.75 -12.20 2.30
N9 7C5 F . -21.43 -12.07 4.11
N10 7C5 F . -22.43 -14.40 5.01
C16 7C5 F . -20.19 -12.76 9.86
O4 7C5 F . -21.61 -12.65 10.18
O5 7C5 F . -20.10 -13.67 7.61
O6 7C5 F . -21.55 -15.35 7.33
N MET G . -17.80 -17.97 12.65
CA MET G . -17.17 -16.89 11.90
C MET G . -17.39 -15.54 12.56
O MET G . -18.23 -15.40 13.46
CB MET G . -17.70 -16.87 10.46
CG MET G . -19.13 -17.35 10.30
SD MET G . -20.30 -16.48 11.35
CE MET G . -21.81 -17.33 10.94
OXT MET G . -16.74 -14.55 12.22
FE1 SF4 H . 19.74 -12.90 -18.82
FE2 SF4 H . 19.01 -13.19 -16.20
FE3 SF4 H . 21.32 -14.30 -17.11
FE4 SF4 H . 18.90 -15.34 -17.88
S1 SF4 H . 19.76 -15.29 -15.77
S2 SF4 H . 20.71 -14.93 -19.21
S3 SF4 H . 17.67 -13.43 -18.02
S4 SF4 H . 20.84 -12.09 -17.00
N1 7C5 I . 23.97 -10.38 -2.48
N3 7C5 I . 23.52 -6.75 -13.64
C4 7C5 I . 23.59 -12.26 -5.42
C5 7C5 I . 20.72 -9.99 -7.05
C6 7C5 I . 21.18 -11.11 -7.73
C7 7C5 I . 19.46 -10.75 -10.87
C8 7C5 I . 21.04 -8.69 -13.22
C10 7C5 I . 18.88 -9.52 -12.86
C13 7C5 I . 24.65 -6.09 -13.94
C15 7C5 I . 22.59 -10.05 -14.64
C17 7C5 I . 20.66 -11.46 -8.96
C1 7C5 I . 23.54 -10.76 -3.61
C2 7C5 I . 22.13 -10.39 -5.35
C3 7C5 I . 22.60 -11.52 -6.02
O1 7C5 I . 24.04 -13.24 -5.95
C9 7C5 I . 19.83 -9.20 -13.92
O2 7C5 I . 17.92 -8.56 -12.82
O3 7C5 I . 19.32 -8.24 -14.74
C11 7C5 I . 23.30 -8.00 -14.09
C12 7C5 I . 24.28 -8.62 -14.88
C14 7C5 I . 25.44 -7.91 -15.16
N2 7C5 I . 22.25 -8.92 -13.95
N4 7C5 I . 25.60 -6.66 -14.69
N5 7C5 I . 26.48 -8.51 -15.96
N6 7C5 I . 23.80 -9.86 -15.18
N7 7C5 I . 24.06 -11.86 -4.19
N8 7C5 I . 22.62 -10.06 -4.19
N9 7C5 I . 21.20 -9.65 -5.89
N10 7C5 I . 22.12 -11.83 -7.19
C16 7C5 I . 19.65 -9.50 -11.60
O4 7C5 I . 21.04 -9.35 -11.98
O5 7C5 I . 19.65 -10.73 -9.51
O6 7C5 I . 21.10 -12.43 -9.56
N MET J . 17.01 -14.33 -15.03
CA MET J . 16.59 -13.27 -14.13
C MET J . 16.95 -11.90 -14.68
O MET J . 16.22 -10.93 -14.48
CB MET J . 17.22 -13.46 -12.75
CG MET J . 18.66 -13.93 -12.78
SD MET J . 19.72 -12.91 -13.83
CE MET J . 21.33 -13.66 -13.51
OXT MET J . 17.97 -11.72 -15.34
FE1 SF4 K . 23.82 14.95 14.35
FE2 SF4 K . 22.43 15.21 12.01
FE3 SF4 K . 24.88 16.38 12.29
FE4 SF4 K . 22.73 17.38 13.67
S1 SF4 K . 23.02 17.33 11.40
S2 SF4 K . 24.83 17.01 14.48
S3 SF4 K . 21.61 15.44 14.12
S4 SF4 K . 24.43 14.15 12.31
N1 7C5 L . 23.71 12.39 -2.53
N3 7C5 L . 26.25 8.83 8.38
C4 7C5 L . 24.08 14.28 0.41
C5 7C5 L . 21.77 11.98 2.74
C6 7C5 L . 22.38 13.11 3.27
C7 7C5 L . 21.53 12.73 6.76
C8 7C5 L . 23.71 10.72 8.61
C10 7C5 L . 21.52 11.51 8.84
C13 7C5 L . 27.43 8.20 8.37
C15 7C5 L . 25.55 12.11 9.57
C17 7C5 L . 22.19 13.46 4.59
C1 7C5 L . 23.59 12.76 -1.32
C2 7C5 L . 22.69 12.39 0.72
C3 7C5 L . 23.30 13.53 1.24
O1 7C5 L . 24.63 15.28 0.80
C9 7C5 L . 22.72 11.23 9.61
O2 7C5 L . 20.61 10.53 9.05
O3 7C5 L . 22.46 10.26 10.52
C11 7C5 L . 26.14 10.08 8.87
C12 7C5 L . 27.27 10.73 9.37
C14 7C5 L . 28.49 10.04 9.35
N2 7C5 L . 25.07 10.99 9.00
N4 7C5 L . 28.54 8.79 8.85
N5 7C5 L . 29.67 10.66 9.86
N6 7C5 L . 26.86 11.96 9.78
N7 7C5 L . 24.23 13.89 -0.91
N8 7C5 L . 22.86 12.07 -0.52
N9 7C5 L . 21.94 11.65 1.49
N10 7C5 L . 23.12 13.86 2.50
C16 7C5 L . 21.93 11.49 7.42
O4 7C5 L . 23.38 11.37 7.41
O5 7C5 L . 21.37 12.71 5.38
O6 7C5 L . 22.75 14.44 5.05
N MET M . 20.38 16.15 11.41
CA MET M . 19.53 15.23 10.69
C MET M . 19.81 13.77 11.07
O MET M . 19.04 12.88 10.78
CB MET M . 19.70 15.42 9.17
CG MET M . 21.08 15.91 8.76
SD MET M . 22.43 14.90 9.41
CE MET M . 23.84 15.70 8.64
OXT MET M . 20.83 13.48 11.69
FE1 SF4 N . -22.92 15.23 -12.45
FE2 SF4 N . -21.68 15.12 -10.02
FE3 SF4 N . -24.11 16.35 -10.27
FE4 SF4 N . -21.87 17.51 -11.36
S1 SF4 N . -22.28 17.14 -9.14
S2 SF4 N . -23.90 17.29 -12.34
S3 SF4 N . -20.72 15.65 -12.02
S4 SF4 N . -23.65 14.14 -10.59
N1 7C5 O . -23.86 10.24 3.84
N3 7C5 O . -25.72 8.32 -7.59
C4 7C5 O . -24.03 12.53 1.21
C5 7C5 O . -21.60 10.57 -1.29
C6 7C5 O . -22.17 11.77 -1.68
C7 7C5 O . -21.11 11.90 -5.13
C8 7C5 O . -23.16 10.21 -7.39
C10 7C5 O . -20.96 10.99 -7.36
C13 7C5 O . -26.90 7.72 -7.75
C15 7C5 O . -24.93 11.74 -8.25
C17 7C5 O . -21.89 12.29 -2.94
C1 7C5 O . -23.66 10.77 2.72
C2 7C5 O . -22.63 10.69 0.70
C3 7C5 O . -23.20 11.90 0.31
O1 7C5 O . -24.56 13.59 0.92
C9 7C5 O . -22.11 10.83 -8.25
O2 7C5 O . -20.04 10.04 -7.67
O3 7C5 O . -21.80 10.00 -9.26
C11 7C5 O . -25.57 9.63 -7.89
C12 7C5 O . -26.67 10.36 -8.36
C14 7C5 O . -27.89 9.69 -8.52
N2 7C5 O . -24.50 10.54 -7.83
N4 7C5 O . -27.97 8.38 -8.20
N5 7C5 O . -29.04 10.39 -8.99
N6 7C5 O . -26.24 11.62 -8.56
N7 7C5 O . -24.26 11.96 2.43
N8 7C5 O . -22.88 10.20 1.87
N9 7C5 O . -21.84 10.06 -0.12
N10 7C5 O . -22.95 12.40 -0.86
C16 7C5 O . -21.47 10.77 -5.99
O4 7C5 O . -22.91 10.66 -6.09
O5 7C5 O . -21.02 11.67 -3.77
O6 7C5 O . -22.43 13.35 -3.28
N MET P . -19.53 15.93 -9.20
CA MET P . -18.77 14.88 -8.52
C MET P . -19.06 13.51 -9.13
O MET P . -20.00 13.34 -9.89
CB MET P . -19.09 14.87 -7.02
CG MET P . -20.50 15.34 -6.67
SD MET P . -21.79 14.48 -7.57
CE MET P . -23.26 15.18 -6.82
OXT MET P . -18.35 12.55 -8.86
#